data_4CZA
#
_entry.id   4CZA
#
_cell.length_a   54.056
_cell.length_b   107.402
_cell.length_c   99.796
_cell.angle_alpha   90.00
_cell.angle_beta   96.37
_cell.angle_gamma   90.00
#
_symmetry.space_group_name_H-M   'P 1 21 1'
#
loop_
_entity.id
_entity.type
_entity.pdbx_description
1 polymer 'NA+/H+ ANTIPORTER, PUTATIVE'
2 non-polymer TRIS(HYDROXYETHYL)AMINOMETHANE
3 non-polymer 'octyl beta-D-glucopyranoside'
4 non-polymer 'THALLIUM (I) ION'
5 non-polymer UNDECANE
6 non-polymer 'ACETATE ION'
7 water water
#
_entity_poly.entity_id   1
_entity_poly.type   'polypeptide(L)'
_entity_poly.pdbx_seq_one_letter_code
;(MSE)IELSLAEALFLILFTGVIS(MSE)LISRRTGISYVPIFILTGLVIGPLLKLIPRDLAHEIFDFVRVFGLVIILFT
EGHNLSWRLLKKN(MSE)PTIVTLDTIGLILTALIAGFIFKVVFNSSFLLGFLFGAIIGATDPATLIPLFRQYRVKQDIE
TVIVTESIFNDPLGIVLTLIAIS(MSE)LVPGYGGGIFSTLSEKLGIYAGGVIYFLYNVSVSISLGIFLGILGYKFIKRT
GIFDFPEIEAFSLSLAFLGFFIGERLDASGYLVATVTGIVLGNYKLLKPRENIRILKRLQRAIEKEVHFNDTLAALATIF
IFVLLGAE(MSE)NLEVIWSNLGKGLLVALGV(MSE)ILARPLATLPLLKWWNFREYLFIALEGPRGVVPSALASLPLSL
ALKYKSPLLTVHWGEII(MSE)ATVVITVLTSVIVETLWIPILKDKLD
;
_entity_poly.pdbx_strand_id   A,B
#
loop_
_chem_comp.id
_chem_comp.type
_chem_comp.name
_chem_comp.formula
ACT non-polymer 'ACETATE ION' 'C2 H3 O2 -1'
BOG D-saccharide 'octyl beta-D-glucopyranoside' 'C14 H28 O6'
TAM non-polymer TRIS(HYDROXYETHYL)AMINOMETHANE 'C7 H17 N O3'
TL non-polymer 'THALLIUM (I) ION' 'Tl 1'
UND non-polymer UNDECANE 'C11 H24'
#
# COMPACT_ATOMS: atom_id res chain seq x y z
N MSE A 1 -15.55 -12.70 -17.85
CA MSE A 1 -14.46 -11.85 -18.32
C MSE A 1 -14.40 -10.52 -17.57
O MSE A 1 -15.42 -9.99 -17.13
CB MSE A 1 -14.61 -11.59 -19.83
CG MSE A 1 -14.23 -12.77 -20.70
SE MSE A 1 -12.36 -13.24 -20.56
CE MSE A 1 -11.58 -11.55 -21.14
N ILE A 2 -13.19 -10.00 -17.42
CA ILE A 2 -12.98 -8.71 -16.77
C ILE A 2 -13.44 -7.58 -17.68
N GLU A 3 -14.18 -6.63 -17.12
CA GLU A 3 -14.71 -5.51 -17.90
C GLU A 3 -14.05 -4.18 -17.54
N LEU A 4 -14.36 -3.67 -16.35
CA LEU A 4 -13.85 -2.38 -15.91
C LEU A 4 -12.34 -2.43 -15.68
N SER A 5 -11.69 -1.29 -15.87
CA SER A 5 -10.24 -1.18 -15.67
C SER A 5 -9.84 -1.59 -14.26
N LEU A 6 -8.69 -2.26 -14.14
CA LEU A 6 -8.21 -2.78 -12.87
C LEU A 6 -7.98 -1.67 -11.85
N ALA A 7 -7.24 -0.64 -12.25
CA ALA A 7 -6.95 0.49 -11.38
C ALA A 7 -8.23 1.22 -10.98
N GLU A 8 -9.14 1.40 -11.94
CA GLU A 8 -10.42 2.03 -11.67
C GLU A 8 -11.26 1.18 -10.73
N ALA A 9 -11.12 -0.14 -10.82
CA ALA A 9 -11.83 -1.07 -9.96
C ALA A 9 -11.34 -0.95 -8.52
N LEU A 10 -10.02 -1.03 -8.35
CA LEU A 10 -9.38 -0.88 -7.04
C LEU A 10 -9.77 0.45 -6.41
N PHE A 11 -9.67 1.52 -7.20
CA PHE A 11 -10.06 2.84 -6.74
C PHE A 11 -11.52 2.89 -6.32
N LEU A 12 -12.38 2.24 -7.11
CA LEU A 12 -13.81 2.22 -6.81
C LEU A 12 -14.06 1.56 -5.46
N ILE A 13 -13.42 0.42 -5.24
CA ILE A 13 -13.51 -0.30 -3.97
C ILE A 13 -13.05 0.56 -2.81
N LEU A 14 -11.90 1.22 -2.98
CA LEU A 14 -11.35 2.08 -1.93
C LEU A 14 -12.30 3.22 -1.59
N PHE A 15 -12.76 3.94 -2.62
CA PHE A 15 -13.62 5.09 -2.46
C PHE A 15 -14.95 4.74 -1.80
N THR A 16 -15.66 3.79 -2.39
CA THR A 16 -16.93 3.35 -1.86
C THR A 16 -16.77 2.81 -0.44
N GLY A 17 -15.64 2.15 -0.18
CA GLY A 17 -15.34 1.64 1.14
C GLY A 17 -15.15 2.73 2.18
N VAL A 18 -14.47 3.81 1.77
CA VAL A 18 -14.24 4.95 2.66
C VAL A 18 -15.55 5.68 2.97
N ILE A 19 -16.34 5.95 1.93
CA ILE A 19 -17.63 6.59 2.10
C ILE A 19 -18.53 5.75 3.01
N SER A 20 -18.51 4.44 2.77
CA SER A 20 -19.25 3.50 3.60
C SER A 20 -18.76 3.51 5.05
N MSE A 21 -17.47 3.76 5.22
CA MSE A 21 -16.88 3.84 6.56
C MSE A 21 -17.39 5.07 7.29
O MSE A 21 -17.78 4.99 8.46
CB MSE A 21 -15.35 3.87 6.47
CG MSE A 21 -14.65 4.04 7.82
SE MSE A 21 -12.71 4.14 7.67
CE MSE A 21 -12.58 5.63 6.41
N LEU A 22 -17.41 6.20 6.59
CA LEU A 22 -17.94 7.45 7.15
C LEU A 22 -19.40 7.27 7.55
N ILE A 23 -20.22 6.82 6.60
CA ILE A 23 -21.63 6.56 6.85
C ILE A 23 -21.82 5.62 8.04
N SER A 24 -21.02 4.58 8.11
CA SER A 24 -21.08 3.61 9.21
C SER A 24 -20.79 4.25 10.56
N ARG A 25 -19.77 5.12 10.60
CA ARG A 25 -19.43 5.80 11.84
C ARG A 25 -20.53 6.76 12.28
N ARG A 26 -21.04 7.56 11.35
CA ARG A 26 -22.07 8.54 11.67
C ARG A 26 -23.38 7.89 12.12
N THR A 27 -23.85 6.91 11.34
CA THR A 27 -25.12 6.25 11.62
C THR A 27 -25.05 5.37 12.88
N GLY A 28 -23.88 4.79 13.13
CA GLY A 28 -23.70 3.92 14.28
C GLY A 28 -23.84 2.45 13.91
N ILE A 29 -24.14 2.20 12.65
CA ILE A 29 -24.24 0.84 12.13
C ILE A 29 -22.85 0.21 12.07
N SER A 30 -22.76 -1.07 12.40
CA SER A 30 -21.50 -1.80 12.32
C SER A 30 -20.95 -1.73 10.89
N TYR A 31 -19.64 -1.59 10.77
CA TYR A 31 -19.01 -1.41 9.47
C TYR A 31 -19.05 -2.66 8.59
N VAL A 32 -19.28 -3.81 9.22
CA VAL A 32 -19.31 -5.08 8.50
C VAL A 32 -20.47 -5.19 7.47
N PRO A 33 -21.73 -5.06 7.92
CA PRO A 33 -22.81 -5.17 6.92
C PRO A 33 -22.82 -3.97 5.98
N ILE A 34 -22.27 -2.85 6.41
CA ILE A 34 -22.18 -1.66 5.55
C ILE A 34 -21.22 -1.92 4.39
N PHE A 35 -20.02 -2.39 4.71
CA PHE A 35 -19.02 -2.74 3.71
C PHE A 35 -19.53 -3.85 2.80
N ILE A 36 -20.07 -4.90 3.40
CA ILE A 36 -20.60 -6.04 2.64
C ILE A 36 -21.70 -5.62 1.68
N LEU A 37 -22.61 -4.77 2.15
CA LEU A 37 -23.69 -4.27 1.31
C LEU A 37 -23.17 -3.35 0.20
N THR A 38 -22.12 -2.60 0.51
CA THR A 38 -21.48 -1.72 -0.47
C THR A 38 -20.91 -2.54 -1.62
N GLY A 39 -20.08 -3.51 -1.27
CA GLY A 39 -19.52 -4.43 -2.25
C GLY A 39 -20.62 -5.14 -3.00
N LEU A 40 -21.70 -5.47 -2.29
CA LEU A 40 -22.85 -6.14 -2.90
C LEU A 40 -23.49 -5.25 -3.96
N VAL A 41 -23.50 -3.94 -3.71
CA VAL A 41 -24.02 -2.98 -4.67
C VAL A 41 -23.13 -2.92 -5.89
N ILE A 42 -21.83 -2.71 -5.68
CA ILE A 42 -20.90 -2.61 -6.80
C ILE A 42 -20.54 -3.96 -7.41
N GLY A 43 -20.81 -5.03 -6.67
CA GLY A 43 -20.46 -6.37 -7.11
C GLY A 43 -21.47 -7.00 -8.05
N PRO A 44 -22.26 -7.95 -7.53
CA PRO A 44 -23.23 -8.74 -8.31
C PRO A 44 -24.26 -7.88 -9.05
N LEU A 45 -24.90 -6.96 -8.32
CA LEU A 45 -25.99 -6.17 -8.88
C LEU A 45 -25.60 -5.34 -10.11
N LEU A 46 -24.58 -4.50 -9.95
CA LEU A 46 -24.16 -3.60 -11.01
C LEU A 46 -23.15 -4.23 -11.96
N LYS A 47 -22.48 -5.28 -11.49
CA LYS A 47 -21.42 -5.95 -12.26
C LYS A 47 -20.31 -4.98 -12.66
N LEU A 48 -20.01 -4.02 -11.79
CA LEU A 48 -18.89 -3.12 -11.98
C LEU A 48 -17.59 -3.86 -11.66
N ILE A 49 -17.65 -4.68 -10.61
CA ILE A 49 -16.52 -5.51 -10.22
C ILE A 49 -16.85 -6.97 -10.51
N PRO A 50 -16.32 -7.50 -11.63
CA PRO A 50 -16.53 -8.90 -12.02
C PRO A 50 -16.08 -9.87 -10.92
N ARG A 51 -16.80 -10.96 -10.77
CA ARG A 51 -16.55 -11.93 -9.71
C ARG A 51 -15.14 -12.55 -9.83
N ASP A 52 -14.72 -12.80 -11.07
CA ASP A 52 -13.39 -13.33 -11.32
C ASP A 52 -12.32 -12.31 -10.95
N LEU A 53 -12.56 -11.06 -11.31
CA LEU A 53 -11.67 -9.96 -10.95
C LEU A 53 -11.61 -9.84 -9.43
N ALA A 54 -12.76 -9.98 -8.79
CA ALA A 54 -12.85 -9.97 -7.34
C ALA A 54 -12.00 -11.08 -6.74
N HIS A 55 -12.01 -12.25 -7.37
CA HIS A 55 -11.17 -13.37 -6.94
C HIS A 55 -9.69 -13.01 -7.03
N GLU A 56 -9.29 -12.52 -8.20
CA GLU A 56 -7.89 -12.17 -8.43
C GLU A 56 -7.37 -11.10 -7.46
N ILE A 57 -8.19 -10.10 -7.19
CA ILE A 57 -7.83 -9.07 -6.22
C ILE A 57 -7.76 -9.66 -4.81
N PHE A 58 -8.75 -10.48 -4.47
CA PHE A 58 -8.86 -11.08 -3.14
C PHE A 58 -7.65 -11.95 -2.81
N ASP A 59 -7.12 -12.64 -3.82
CA ASP A 59 -5.95 -13.51 -3.64
C ASP A 59 -4.71 -12.74 -3.17
N PHE A 60 -4.67 -11.44 -3.47
CA PHE A 60 -3.57 -10.58 -3.04
C PHE A 60 -3.92 -9.91 -1.73
N VAL A 61 -5.16 -9.41 -1.66
CA VAL A 61 -5.67 -8.69 -0.50
C VAL A 61 -5.66 -9.54 0.77
N ARG A 62 -5.81 -10.86 0.62
CA ARG A 62 -5.78 -11.74 1.78
C ARG A 62 -4.34 -11.92 2.30
N VAL A 63 -3.39 -12.09 1.39
CA VAL A 63 -2.00 -12.31 1.77
C VAL A 63 -1.37 -11.06 2.38
N PHE A 64 -1.53 -9.92 1.70
CA PHE A 64 -1.02 -8.66 2.23
C PHE A 64 -1.82 -8.22 3.45
N GLY A 65 -3.13 -8.19 3.27
CA GLY A 65 -4.07 -7.73 4.28
C GLY A 65 -3.99 -8.46 5.60
N LEU A 66 -4.10 -9.79 5.57
CA LEU A 66 -4.07 -10.55 6.82
C LEU A 66 -2.75 -10.35 7.58
N VAL A 67 -1.65 -10.33 6.85
CA VAL A 67 -0.34 -10.12 7.46
C VAL A 67 -0.24 -8.76 8.14
N ILE A 68 -0.54 -7.68 7.41
CA ILE A 68 -0.45 -6.34 7.99
C ILE A 68 -1.43 -6.15 9.16
N ILE A 69 -2.65 -6.68 8.99
CA ILE A 69 -3.69 -6.61 10.01
C ILE A 69 -3.29 -7.32 11.30
N LEU A 70 -2.80 -8.55 11.17
CA LEU A 70 -2.39 -9.33 12.34
C LEU A 70 -1.15 -8.74 13.01
N PHE A 71 -0.20 -8.28 12.20
CA PHE A 71 1.01 -7.66 12.73
C PHE A 71 0.69 -6.40 13.52
N THR A 72 -0.19 -5.57 12.98
CA THR A 72 -0.63 -4.37 13.68
C THR A 72 -1.38 -4.74 14.95
N GLU A 73 -2.27 -5.72 14.82
CA GLU A 73 -3.09 -6.21 15.94
C GLU A 73 -2.24 -6.72 17.09
N GLY A 74 -1.06 -7.22 16.78
CA GLY A 74 -0.13 -7.71 17.79
C GLY A 74 0.33 -6.63 18.76
N HIS A 75 0.35 -5.39 18.29
CA HIS A 75 0.78 -4.26 19.12
C HIS A 75 -0.24 -3.94 20.21
N ASN A 76 -1.51 -4.25 19.96
CA ASN A 76 -2.57 -3.96 20.91
C ASN A 76 -2.70 -5.03 22.00
N LEU A 77 -1.61 -5.71 22.29
CA LEU A 77 -1.60 -6.73 23.34
C LEU A 77 -0.77 -6.27 24.54
N SER A 78 -1.32 -6.43 25.73
CA SER A 78 -0.60 -6.10 26.96
C SER A 78 -0.12 -7.37 27.65
N TRP A 79 1.19 -7.45 27.86
CA TRP A 79 1.79 -8.62 28.49
C TRP A 79 1.47 -8.70 29.98
N ARG A 80 1.23 -7.54 30.60
CA ARG A 80 0.84 -7.50 32.00
C ARG A 80 -0.57 -8.07 32.15
N LEU A 81 -1.47 -7.62 31.29
CA LEU A 81 -2.85 -8.09 31.30
C LEU A 81 -2.93 -9.54 30.85
N LEU A 82 -1.96 -9.96 30.03
CA LEU A 82 -1.86 -11.34 29.59
C LEU A 82 -1.42 -12.23 30.75
N LYS A 83 -0.43 -11.77 31.50
CA LYS A 83 0.08 -12.51 32.64
C LYS A 83 -0.96 -12.58 33.77
N LYS A 84 -1.73 -11.52 33.93
CA LYS A 84 -2.74 -11.45 34.98
C LYS A 84 -3.94 -12.34 34.66
N ASN A 85 -4.13 -12.64 33.38
CA ASN A 85 -5.24 -13.48 32.95
C ASN A 85 -4.81 -14.56 31.96
N MSE A 86 -3.71 -15.23 32.27
CA MSE A 86 -3.15 -16.24 31.36
C MSE A 86 -4.04 -17.48 31.11
O MSE A 86 -4.39 -17.75 29.97
CB MSE A 86 -1.74 -16.66 31.80
CG MSE A 86 -1.04 -17.59 30.80
SE MSE A 86 0.64 -18.32 31.46
CE MSE A 86 -0.08 -19.46 32.88
N PRO A 87 -4.41 -18.23 32.19
CA PRO A 87 -5.09 -19.50 31.95
C PRO A 87 -6.41 -19.35 31.20
N THR A 88 -7.09 -18.22 31.40
CA THR A 88 -8.36 -17.96 30.74
C THR A 88 -8.20 -17.87 29.23
N ILE A 89 -7.38 -16.92 28.78
CA ILE A 89 -7.19 -16.70 27.34
C ILE A 89 -6.43 -17.85 26.69
N VAL A 90 -5.61 -18.55 27.46
CA VAL A 90 -4.93 -19.74 26.95
C VAL A 90 -5.94 -20.85 26.71
N THR A 91 -6.89 -20.99 27.62
CA THR A 91 -7.98 -21.95 27.47
C THR A 91 -8.85 -21.57 26.27
N LEU A 92 -9.01 -20.26 26.04
CA LEU A 92 -9.83 -19.77 24.94
C LEU A 92 -9.19 -20.02 23.56
N ASP A 93 -7.92 -19.67 23.44
CA ASP A 93 -7.22 -19.72 22.16
C ASP A 93 -6.84 -21.13 21.73
N THR A 94 -6.69 -22.03 22.70
CA THR A 94 -6.33 -23.41 22.41
C THR A 94 -7.56 -24.31 22.40
N ILE A 95 -8.04 -24.65 23.60
CA ILE A 95 -9.17 -25.55 23.75
C ILE A 95 -10.45 -25.01 23.12
N GLY A 96 -10.81 -23.77 23.47
CA GLY A 96 -12.03 -23.15 22.99
C GLY A 96 -12.09 -23.03 21.48
N LEU A 97 -10.98 -22.62 20.87
CA LEU A 97 -10.91 -22.48 19.42
C LEU A 97 -11.09 -23.80 18.69
N ILE A 98 -10.26 -24.78 19.05
CA ILE A 98 -10.31 -26.11 18.44
C ILE A 98 -11.69 -26.74 18.61
N LEU A 99 -12.21 -26.71 19.83
CA LEU A 99 -13.53 -27.25 20.11
C LEU A 99 -14.61 -26.56 19.29
N THR A 100 -14.51 -25.23 19.18
CA THR A 100 -15.46 -24.45 18.38
C THR A 100 -15.44 -24.91 16.94
N ALA A 101 -14.25 -25.02 16.37
CA ALA A 101 -14.09 -25.48 14.99
C ALA A 101 -14.68 -26.88 14.80
N LEU A 102 -14.43 -27.76 15.76
CA LEU A 102 -14.91 -29.14 15.70
C LEU A 102 -16.43 -29.23 15.73
N ILE A 103 -17.06 -28.57 16.71
CA ILE A 103 -18.51 -28.65 16.87
C ILE A 103 -19.27 -27.92 15.76
N ALA A 104 -18.75 -26.75 15.36
CA ALA A 104 -19.35 -26.01 14.25
C ALA A 104 -19.23 -26.83 12.97
N GLY A 105 -18.09 -27.51 12.83
CA GLY A 105 -17.88 -28.41 11.71
C GLY A 105 -18.84 -29.57 11.71
N PHE A 106 -19.17 -30.04 12.92
CA PHE A 106 -20.13 -31.14 13.07
C PHE A 106 -21.51 -30.67 12.65
N ILE A 107 -21.87 -29.45 13.06
CA ILE A 107 -23.15 -28.86 12.68
C ILE A 107 -23.27 -28.71 11.17
N PHE A 108 -22.22 -28.16 10.56
CA PHE A 108 -22.18 -28.00 9.11
C PHE A 108 -22.27 -29.35 8.40
N LYS A 109 -21.63 -30.35 9.00
CA LYS A 109 -21.66 -31.71 8.46
C LYS A 109 -23.07 -32.29 8.48
N VAL A 110 -23.78 -32.06 9.58
CA VAL A 110 -25.15 -32.56 9.73
C VAL A 110 -26.11 -31.85 8.77
N VAL A 111 -26.05 -30.53 8.73
CA VAL A 111 -26.97 -29.74 7.92
C VAL A 111 -26.83 -29.97 6.42
N PHE A 112 -25.63 -29.82 5.90
CA PHE A 112 -25.40 -29.89 4.45
C PHE A 112 -25.03 -31.29 3.95
N ASN A 113 -25.19 -32.30 4.81
CA ASN A 113 -24.76 -33.66 4.49
C ASN A 113 -23.32 -33.71 4.00
N SER A 114 -22.46 -32.98 4.71
CA SER A 114 -21.06 -32.85 4.31
C SER A 114 -20.18 -33.96 4.86
N SER A 115 -18.94 -34.00 4.39
CA SER A 115 -17.92 -34.86 4.98
C SER A 115 -17.39 -34.17 6.21
N PHE A 116 -16.60 -34.87 7.01
CA PHE A 116 -16.06 -34.29 8.25
C PHE A 116 -15.01 -33.22 7.95
N LEU A 117 -14.27 -33.41 6.86
CA LEU A 117 -13.20 -32.49 6.48
C LEU A 117 -13.71 -31.12 6.05
N LEU A 118 -14.76 -31.10 5.24
CA LEU A 118 -15.35 -29.85 4.77
C LEU A 118 -15.92 -29.05 5.94
N GLY A 119 -16.63 -29.76 6.83
CA GLY A 119 -17.17 -29.16 8.02
C GLY A 119 -16.07 -28.57 8.88
N PHE A 120 -15.03 -29.35 9.14
CA PHE A 120 -13.90 -28.88 9.92
C PHE A 120 -13.22 -27.67 9.26
N LEU A 121 -13.27 -27.63 7.94
CA LEU A 121 -12.74 -26.50 7.19
C LEU A 121 -13.55 -25.25 7.50
N PHE A 122 -14.87 -25.37 7.42
CA PHE A 122 -15.76 -24.26 7.76
C PHE A 122 -15.53 -23.76 9.18
N GLY A 123 -15.52 -24.69 10.13
CA GLY A 123 -15.31 -24.35 11.53
C GLY A 123 -13.98 -23.68 11.77
N ALA A 124 -12.94 -24.17 11.09
CA ALA A 124 -11.61 -23.59 11.20
C ALA A 124 -11.60 -22.17 10.64
N ILE A 125 -12.36 -21.95 9.57
CA ILE A 125 -12.49 -20.62 8.98
C ILE A 125 -13.16 -19.65 9.94
N ILE A 126 -14.32 -20.05 10.46
CA ILE A 126 -15.07 -19.19 11.39
C ILE A 126 -14.56 -19.28 12.83
N GLY A 127 -13.39 -19.88 12.99
CA GLY A 127 -12.80 -20.04 14.32
C GLY A 127 -12.35 -18.73 14.95
N ALA A 128 -11.80 -17.84 14.14
CA ALA A 128 -11.32 -16.56 14.62
C ALA A 128 -12.46 -15.63 15.05
N THR A 129 -12.13 -14.62 15.84
CA THR A 129 -13.12 -13.66 16.32
C THR A 129 -12.66 -12.21 16.12
N ASP A 130 -13.61 -11.30 15.91
CA ASP A 130 -13.30 -9.89 15.71
C ASP A 130 -14.24 -8.99 16.51
N PRO A 131 -13.83 -8.62 17.73
CA PRO A 131 -14.62 -7.81 18.65
C PRO A 131 -14.47 -6.32 18.39
N ALA A 132 -13.86 -5.95 17.27
CA ALA A 132 -13.66 -4.55 16.92
C ALA A 132 -14.99 -3.86 16.64
N THR A 133 -16.02 -4.66 16.36
CA THR A 133 -17.36 -4.14 16.12
C THR A 133 -18.14 -4.07 17.42
N LEU A 134 -17.45 -4.24 18.55
CA LEU A 134 -18.09 -4.26 19.85
C LEU A 134 -17.48 -3.22 20.80
N ILE A 135 -16.27 -2.77 20.48
CA ILE A 135 -15.55 -1.80 21.29
C ILE A 135 -16.33 -0.51 21.62
N PRO A 136 -16.99 0.11 20.61
CA PRO A 136 -17.78 1.30 20.96
C PRO A 136 -18.87 1.01 21.98
N LEU A 137 -19.64 -0.05 21.76
CA LEU A 137 -20.71 -0.42 22.68
C LEU A 137 -20.19 -0.93 24.02
N PHE A 138 -18.89 -1.23 24.08
CA PHE A 138 -18.26 -1.65 25.33
C PHE A 138 -17.80 -0.44 26.14
N ARG A 139 -17.23 0.55 25.46
CA ARG A 139 -16.74 1.75 26.14
C ARG A 139 -17.80 2.85 26.22
N GLN A 140 -19.00 2.55 25.76
CA GLN A 140 -20.14 3.45 25.93
C GLN A 140 -21.00 2.98 27.11
N TYR A 141 -21.02 1.68 27.33
CA TYR A 141 -21.78 1.12 28.44
C TYR A 141 -20.90 0.94 29.68
N ARG A 142 -19.63 1.30 29.53
CA ARG A 142 -18.65 1.19 30.62
C ARG A 142 -18.58 -0.22 31.21
N VAL A 143 -18.55 -1.22 30.32
CA VAL A 143 -18.45 -2.61 30.75
C VAL A 143 -17.09 -2.86 31.41
N LYS A 144 -17.01 -3.92 32.20
CA LYS A 144 -15.79 -4.26 32.93
C LYS A 144 -14.57 -4.36 32.02
N GLN A 145 -13.47 -3.75 32.44
CA GLN A 145 -12.24 -3.74 31.66
C GLN A 145 -11.63 -5.13 31.53
N ASP A 146 -11.89 -5.96 32.54
CA ASP A 146 -11.36 -7.32 32.58
C ASP A 146 -11.84 -8.16 31.40
N ILE A 147 -13.16 -8.28 31.26
CA ILE A 147 -13.74 -9.08 30.18
C ILE A 147 -13.38 -8.53 28.80
N GLU A 148 -13.22 -7.21 28.70
CA GLU A 148 -12.82 -6.58 27.45
C GLU A 148 -11.40 -6.97 27.10
N THR A 149 -10.52 -6.94 28.10
CA THR A 149 -9.15 -7.38 27.93
C THR A 149 -9.09 -8.84 27.47
N VAL A 150 -9.83 -9.69 28.17
CA VAL A 150 -9.89 -11.12 27.85
C VAL A 150 -10.36 -11.35 26.41
N ILE A 151 -11.46 -10.72 26.03
CA ILE A 151 -12.01 -10.84 24.69
C ILE A 151 -11.02 -10.36 23.61
N VAL A 152 -10.51 -9.16 23.77
CA VAL A 152 -9.57 -8.57 22.82
C VAL A 152 -8.31 -9.44 22.64
N THR A 153 -7.71 -9.85 23.76
CA THR A 153 -6.52 -10.69 23.72
C THR A 153 -6.82 -12.03 23.06
N GLU A 154 -7.98 -12.61 23.39
CA GLU A 154 -8.43 -13.85 22.77
C GLU A 154 -8.49 -13.69 21.27
N SER A 155 -9.00 -12.54 20.82
CA SER A 155 -9.03 -12.23 19.39
C SER A 155 -7.62 -12.21 18.81
N ILE A 156 -6.74 -11.45 19.47
CA ILE A 156 -5.35 -11.30 19.05
C ILE A 156 -4.65 -12.64 18.83
N PHE A 157 -4.79 -13.56 19.78
CA PHE A 157 -4.11 -14.85 19.67
C PHE A 157 -4.84 -15.87 18.79
N ASN A 158 -6.16 -15.84 18.78
CA ASN A 158 -6.92 -16.84 18.04
C ASN A 158 -7.11 -16.50 16.55
N ASP A 159 -6.82 -15.26 16.17
CA ASP A 159 -6.87 -14.88 14.77
C ASP A 159 -5.87 -15.64 13.86
N PRO A 160 -4.57 -15.70 14.26
CA PRO A 160 -3.65 -16.46 13.42
C PRO A 160 -3.84 -17.96 13.58
N LEU A 161 -4.16 -18.39 14.79
CA LEU A 161 -4.39 -19.80 15.08
C LEU A 161 -5.58 -20.35 14.28
N GLY A 162 -6.52 -19.47 13.94
CA GLY A 162 -7.65 -19.86 13.13
C GLY A 162 -7.24 -20.13 11.70
N ILE A 163 -6.21 -19.42 11.24
CA ILE A 163 -5.66 -19.63 9.91
C ILE A 163 -4.91 -20.96 9.86
N VAL A 164 -4.21 -21.29 10.93
CA VAL A 164 -3.48 -22.54 11.05
C VAL A 164 -4.43 -23.73 10.93
N LEU A 165 -5.52 -23.68 11.70
CA LEU A 165 -6.55 -24.70 11.63
C LEU A 165 -7.15 -24.80 10.23
N THR A 166 -7.31 -23.66 9.59
CA THR A 166 -7.79 -23.61 8.22
C THR A 166 -6.73 -24.18 7.28
N LEU A 167 -5.48 -23.82 7.54
CA LEU A 167 -4.34 -24.36 6.79
C LEU A 167 -4.30 -25.88 6.88
N ILE A 168 -4.57 -26.41 8.07
CA ILE A 168 -4.66 -27.84 8.28
C ILE A 168 -5.75 -28.46 7.41
N ALA A 169 -6.95 -27.92 7.54
CA ALA A 169 -8.12 -28.42 6.80
C ALA A 169 -7.93 -28.28 5.29
N ILE A 170 -7.29 -27.20 4.86
CA ILE A 170 -6.99 -26.98 3.45
C ILE A 170 -6.03 -28.04 2.93
N SER A 171 -4.99 -28.33 3.70
CA SER A 171 -3.96 -29.28 3.30
C SER A 171 -4.49 -30.71 3.20
N MSE A 172 -5.53 -31.02 3.95
CA MSE A 172 -6.11 -32.36 3.95
C MSE A 172 -7.02 -32.60 2.75
O MSE A 172 -7.41 -33.73 2.47
CB MSE A 172 -6.89 -32.61 5.25
CG MSE A 172 -6.03 -32.70 6.49
SE MSE A 172 -7.08 -33.01 8.12
CE MSE A 172 -5.62 -33.24 9.39
N LEU A 173 -7.36 -31.52 2.04
CA LEU A 173 -8.28 -31.62 0.91
C LEU A 173 -7.56 -31.61 -0.43
N VAL A 174 -6.73 -30.60 -0.65
CA VAL A 174 -5.95 -30.49 -1.88
C VAL A 174 -4.53 -31.02 -1.67
N PRO A 175 -4.00 -31.75 -2.67
CA PRO A 175 -2.68 -32.39 -2.56
C PRO A 175 -1.52 -31.40 -2.55
N GLY A 176 -1.64 -30.32 -3.32
CA GLY A 176 -0.55 -29.40 -3.51
C GLY A 176 -0.24 -28.50 -2.31
N TYR A 177 -1.26 -28.12 -1.57
CA TYR A 177 -1.11 -27.15 -0.49
C TYR A 177 -0.24 -27.66 0.65
N GLY A 178 -0.50 -28.88 1.10
CA GLY A 178 0.27 -29.48 2.18
C GLY A 178 1.74 -29.57 1.82
N GLY A 179 2.57 -28.81 2.53
CA GLY A 179 3.99 -28.77 2.23
C GLY A 179 4.86 -29.39 3.30
N GLY A 180 5.97 -29.98 2.86
CA GLY A 180 7.00 -30.50 3.73
C GLY A 180 6.55 -31.33 4.92
N ILE A 181 6.88 -30.84 6.11
CA ILE A 181 6.67 -31.55 7.38
C ILE A 181 5.29 -32.19 7.49
N PHE A 182 4.24 -31.38 7.33
CA PHE A 182 2.87 -31.87 7.41
C PHE A 182 2.65 -33.13 6.60
N SER A 183 3.19 -33.16 5.39
CA SER A 183 3.05 -34.33 4.53
C SER A 183 3.71 -35.55 5.17
N THR A 184 4.96 -35.39 5.56
CA THR A 184 5.75 -36.49 6.15
C THR A 184 4.96 -37.16 7.26
N LEU A 185 4.67 -36.40 8.32
CA LEU A 185 3.87 -36.85 9.44
C LEU A 185 2.58 -37.51 8.95
N SER A 186 1.90 -36.87 8.01
CA SER A 186 0.62 -37.35 7.51
C SER A 186 0.75 -38.73 6.87
N GLU A 187 1.88 -38.96 6.21
CA GLU A 187 2.11 -40.23 5.54
C GLU A 187 2.78 -41.24 6.48
N LYS A 188 3.18 -40.77 7.65
CA LYS A 188 3.86 -41.61 8.63
C LYS A 188 2.91 -42.02 9.76
N LEU A 189 2.29 -41.02 10.38
CA LEU A 189 1.43 -41.25 11.54
C LEU A 189 -0.03 -41.41 11.13
N GLY A 190 -0.50 -40.51 10.27
CA GLY A 190 -1.89 -40.47 9.88
C GLY A 190 -2.42 -39.04 9.92
N ILE A 191 -3.66 -38.85 9.50
CA ILE A 191 -4.24 -37.50 9.44
C ILE A 191 -4.44 -36.88 10.82
N TYR A 192 -4.83 -37.71 11.79
CA TYR A 192 -5.03 -37.24 13.16
C TYR A 192 -3.73 -36.84 13.82
N ALA A 193 -2.86 -37.82 14.06
CA ALA A 193 -1.58 -37.58 14.71
C ALA A 193 -0.72 -36.61 13.91
N GLY A 194 -0.76 -36.74 12.59
CA GLY A 194 -0.03 -35.83 11.71
C GLY A 194 -0.52 -34.41 11.86
N GLY A 195 -1.84 -34.23 11.84
CA GLY A 195 -2.44 -32.92 12.01
C GLY A 195 -2.11 -32.28 13.34
N VAL A 196 -2.16 -33.09 14.41
CA VAL A 196 -1.87 -32.60 15.75
C VAL A 196 -0.41 -32.21 15.91
N ILE A 197 0.50 -33.12 15.54
CA ILE A 197 1.93 -32.87 15.66
C ILE A 197 2.35 -31.68 14.79
N TYR A 198 1.76 -31.56 13.60
CA TYR A 198 2.05 -30.43 12.73
C TYR A 198 1.45 -29.14 13.29
N PHE A 199 0.35 -29.25 14.02
CA PHE A 199 -0.24 -28.11 14.69
C PHE A 199 0.73 -27.59 15.74
N LEU A 200 1.19 -28.49 16.60
CA LEU A 200 2.15 -28.14 17.65
C LEU A 200 3.42 -27.56 17.06
N TYR A 201 3.92 -28.19 16.00
CA TYR A 201 5.12 -27.74 15.30
C TYR A 201 4.95 -26.31 14.78
N ASN A 202 3.89 -26.09 14.02
CA ASN A 202 3.58 -24.78 13.44
C ASN A 202 3.48 -23.71 14.52
N VAL A 203 2.66 -23.97 15.53
CA VAL A 203 2.47 -23.02 16.63
C VAL A 203 3.78 -22.68 17.33
N SER A 204 4.48 -23.71 17.83
CA SER A 204 5.72 -23.52 18.57
C SER A 204 6.80 -22.79 17.76
N VAL A 205 7.05 -23.27 16.55
CA VAL A 205 8.07 -22.68 15.68
C VAL A 205 7.73 -21.24 15.30
N SER A 206 6.47 -21.00 14.95
CA SER A 206 6.03 -19.66 14.57
C SER A 206 6.16 -18.68 15.74
N ILE A 207 5.76 -19.11 16.93
CA ILE A 207 5.86 -18.27 18.12
C ILE A 207 7.32 -17.96 18.47
N SER A 208 8.14 -19.00 18.54
CA SER A 208 9.57 -18.83 18.87
C SER A 208 10.28 -17.92 17.86
N LEU A 209 10.03 -18.16 16.58
CA LEU A 209 10.61 -17.37 15.51
C LEU A 209 10.14 -15.92 15.59
N GLY A 210 8.88 -15.74 15.95
CA GLY A 210 8.30 -14.42 16.13
C GLY A 210 8.98 -13.66 17.25
N ILE A 211 9.23 -14.35 18.36
CA ILE A 211 9.94 -13.75 19.48
C ILE A 211 11.37 -13.38 19.09
N PHE A 212 12.05 -14.29 18.40
CA PHE A 212 13.42 -14.07 17.98
C PHE A 212 13.55 -12.87 17.04
N LEU A 213 12.67 -12.80 16.05
CA LEU A 213 12.69 -11.70 15.09
C LEU A 213 12.25 -10.38 15.72
N GLY A 214 11.36 -10.47 16.70
CA GLY A 214 10.92 -9.30 17.43
C GLY A 214 12.04 -8.68 18.23
N ILE A 215 12.74 -9.53 19.00
CA ILE A 215 13.87 -9.08 19.81
C ILE A 215 15.02 -8.58 18.95
N LEU A 216 15.31 -9.31 17.86
CA LEU A 216 16.38 -8.93 16.94
C LEU A 216 16.07 -7.57 16.32
N GLY A 217 14.84 -7.40 15.85
CA GLY A 217 14.40 -6.14 15.28
C GLY A 217 14.49 -5.00 16.28
N TYR A 218 14.07 -5.27 17.50
CA TYR A 218 14.16 -4.29 18.58
C TYR A 218 15.60 -3.85 18.82
N LYS A 219 16.51 -4.81 18.90
CA LYS A 219 17.91 -4.52 19.12
C LYS A 219 18.51 -3.74 17.96
N PHE A 220 18.06 -4.05 16.75
CA PHE A 220 18.54 -3.35 15.55
C PHE A 220 18.08 -1.90 15.54
N ILE A 221 16.81 -1.68 15.86
CA ILE A 221 16.25 -0.34 15.95
C ILE A 221 16.98 0.48 17.02
N LYS A 222 17.13 -0.11 18.20
CA LYS A 222 17.82 0.52 19.31
C LYS A 222 19.26 0.88 18.95
N ARG A 223 19.93 -0.03 18.25
CA ARG A 223 21.33 0.17 17.88
C ARG A 223 21.52 1.21 16.79
N THR A 224 21.05 0.90 15.58
CA THR A 224 21.29 1.75 14.42
C THR A 224 20.56 3.09 14.48
N GLY A 225 19.71 3.26 15.50
CA GLY A 225 19.02 4.53 15.69
C GLY A 225 17.91 4.75 14.69
N ILE A 226 17.04 3.75 14.53
CA ILE A 226 15.88 3.89 13.67
C ILE A 226 14.75 4.53 14.47
N PHE A 227 14.76 5.87 14.54
CA PHE A 227 13.83 6.60 15.39
C PHE A 227 12.89 7.50 14.62
N ASP A 228 13.36 8.04 13.49
CA ASP A 228 12.61 9.06 12.78
C ASP A 228 12.19 8.64 11.37
N PHE A 229 11.20 9.36 10.83
CA PHE A 229 10.71 9.17 9.47
C PHE A 229 11.84 9.25 8.45
N PRO A 230 11.79 8.41 7.40
CA PRO A 230 10.78 7.36 7.18
C PRO A 230 11.31 5.97 7.44
N GLU A 231 12.37 5.87 8.24
CA GLU A 231 13.04 4.60 8.47
C GLU A 231 12.21 3.59 9.26
N ILE A 232 11.57 4.06 10.34
CA ILE A 232 10.86 3.17 11.26
C ILE A 232 9.67 2.43 10.62
N GLU A 233 8.85 3.15 9.86
CA GLU A 233 7.68 2.55 9.23
C GLU A 233 8.09 1.49 8.20
N ALA A 234 8.98 1.89 7.30
CA ALA A 234 9.47 1.01 6.25
C ALA A 234 10.14 -0.23 6.84
N PHE A 235 11.02 -0.03 7.81
CA PHE A 235 11.73 -1.14 8.44
C PHE A 235 10.78 -2.08 9.18
N SER A 236 9.79 -1.51 9.87
CA SER A 236 8.84 -2.32 10.61
C SER A 236 7.95 -3.13 9.67
N LEU A 237 7.66 -2.56 8.50
CA LEU A 237 6.90 -3.28 7.48
C LEU A 237 7.74 -4.44 6.94
N SER A 238 9.00 -4.13 6.60
CA SER A 238 9.94 -5.11 6.09
C SER A 238 10.11 -6.28 7.07
N LEU A 239 10.12 -5.96 8.36
CA LEU A 239 10.24 -6.98 9.40
C LEU A 239 8.95 -7.80 9.47
N ALA A 240 7.83 -7.09 9.43
CA ALA A 240 6.51 -7.70 9.48
C ALA A 240 6.32 -8.75 8.40
N PHE A 241 6.85 -8.48 7.22
CA PHE A 241 6.75 -9.45 6.12
C PHE A 241 7.90 -10.45 6.12
N LEU A 242 9.04 -10.05 6.69
CA LEU A 242 10.18 -10.95 6.84
C LEU A 242 9.78 -12.15 7.68
N GLY A 243 9.09 -11.87 8.78
CA GLY A 243 8.58 -12.93 9.64
C GLY A 243 7.64 -13.86 8.89
N PHE A 244 6.80 -13.27 8.03
CA PHE A 244 5.85 -14.05 7.24
C PHE A 244 6.53 -15.00 6.28
N PHE A 245 7.42 -14.46 5.45
CA PHE A 245 8.10 -15.28 4.46
C PHE A 245 9.03 -16.33 5.08
N ILE A 246 9.83 -15.91 6.05
CA ILE A 246 10.70 -16.85 6.76
C ILE A 246 9.87 -17.96 7.41
N GLY A 247 8.78 -17.57 8.06
CA GLY A 247 7.89 -18.53 8.71
C GLY A 247 7.25 -19.49 7.73
N GLU A 248 6.96 -19.00 6.52
CA GLU A 248 6.33 -19.82 5.49
C GLU A 248 7.32 -20.77 4.80
N ARG A 249 8.59 -20.37 4.78
CA ARG A 249 9.63 -21.22 4.19
C ARG A 249 10.04 -22.33 5.16
N LEU A 250 9.67 -22.19 6.42
CA LEU A 250 9.90 -23.23 7.41
C LEU A 250 8.63 -24.07 7.55
N ASP A 251 7.72 -23.90 6.58
CA ASP A 251 6.42 -24.59 6.56
C ASP A 251 5.62 -24.36 7.84
N ALA A 252 5.67 -23.13 8.34
CA ALA A 252 4.88 -22.72 9.49
C ALA A 252 4.02 -21.54 9.11
N SER A 253 3.16 -21.11 10.03
CA SER A 253 2.28 -19.97 9.77
C SER A 253 3.04 -18.66 9.90
N GLY A 254 3.25 -17.99 8.77
CA GLY A 254 3.94 -16.71 8.77
C GLY A 254 3.11 -15.62 9.42
N TYR A 255 1.79 -15.78 9.34
CA TYR A 255 0.87 -14.85 9.98
C TYR A 255 1.09 -14.84 11.49
N LEU A 256 1.26 -16.02 12.06
CA LEU A 256 1.50 -16.17 13.48
C LEU A 256 2.83 -15.55 13.87
N VAL A 257 3.84 -15.70 13.01
CA VAL A 257 5.14 -15.10 13.23
C VAL A 257 5.04 -13.58 13.26
N ALA A 258 4.30 -13.02 12.30
CA ALA A 258 4.08 -11.58 12.24
C ALA A 258 3.34 -11.09 13.49
N THR A 259 2.35 -11.86 13.92
CA THR A 259 1.57 -11.53 15.11
C THR A 259 2.45 -11.49 16.35
N VAL A 260 3.22 -12.54 16.57
CA VAL A 260 4.14 -12.62 17.71
C VAL A 260 5.18 -11.49 17.65
N THR A 261 5.63 -11.16 16.44
CA THR A 261 6.56 -10.06 16.23
C THR A 261 5.94 -8.74 16.69
N GLY A 262 4.68 -8.54 16.33
CA GLY A 262 3.94 -7.37 16.76
C GLY A 262 3.74 -7.34 18.26
N ILE A 263 3.59 -8.51 18.84
CA ILE A 263 3.46 -8.65 20.30
C ILE A 263 4.74 -8.21 21.00
N VAL A 264 5.88 -8.67 20.49
CA VAL A 264 7.18 -8.29 21.04
C VAL A 264 7.43 -6.78 20.88
N LEU A 265 7.22 -6.27 19.68
CA LEU A 265 7.45 -4.85 19.40
C LEU A 265 6.51 -3.94 20.19
N GLY A 266 5.29 -4.40 20.43
CA GLY A 266 4.32 -3.63 21.19
C GLY A 266 4.75 -3.48 22.64
N ASN A 267 5.42 -4.49 23.17
CA ASN A 267 5.91 -4.48 24.54
C ASN A 267 7.42 -4.27 24.58
N TYR A 268 7.86 -3.08 24.20
CA TYR A 268 9.29 -2.77 24.09
C TYR A 268 9.91 -2.38 25.43
N LYS A 269 9.12 -1.75 26.29
CA LYS A 269 9.60 -1.31 27.60
C LYS A 269 9.98 -2.50 28.48
N LEU A 270 9.30 -3.63 28.26
CA LEU A 270 9.48 -4.81 29.09
C LEU A 270 10.79 -5.53 28.81
N LEU A 271 11.26 -5.46 27.56
CA LEU A 271 12.43 -6.21 27.14
C LEU A 271 13.70 -5.84 27.89
N LYS A 272 13.84 -4.55 28.25
CA LYS A 272 15.00 -4.11 29.02
C LYS A 272 14.66 -2.99 30.00
N PRO A 273 14.84 -3.26 31.30
CA PRO A 273 14.68 -2.25 32.36
C PRO A 273 15.94 -1.42 32.48
N ARG A 274 15.90 -0.35 33.30
CA ARG A 274 17.06 0.50 33.56
C ARG A 274 17.50 1.33 32.33
N GLU A 275 17.01 0.96 31.16
CA GLU A 275 17.30 1.70 29.92
C GLU A 275 16.90 3.15 30.06
N ASN A 276 17.72 4.04 29.50
CA ASN A 276 17.55 5.49 29.66
C ASN A 276 16.17 6.01 29.28
N ILE A 277 15.77 7.12 29.92
CA ILE A 277 14.47 7.74 29.67
C ILE A 277 14.37 8.27 28.24
N ARG A 278 15.41 8.96 27.79
CA ARG A 278 15.47 9.51 26.44
C ARG A 278 15.29 8.42 25.40
N ILE A 279 15.93 7.28 25.66
CA ILE A 279 15.80 6.11 24.79
C ILE A 279 14.35 5.67 24.69
N LEU A 280 13.65 5.64 25.82
CA LEU A 280 12.24 5.26 25.83
C LEU A 280 11.39 6.28 25.08
N LYS A 281 11.78 7.54 25.17
CA LYS A 281 11.09 8.61 24.43
C LYS A 281 11.20 8.39 22.93
N ARG A 282 12.43 8.30 22.44
CA ARG A 282 12.68 8.11 21.01
C ARG A 282 12.04 6.82 20.49
N LEU A 283 12.19 5.75 21.27
CA LEU A 283 11.58 4.46 20.93
C LEU A 283 10.07 4.56 20.82
N GLN A 284 9.45 5.28 21.75
CA GLN A 284 7.99 5.45 21.72
C GLN A 284 7.56 6.31 20.53
N ARG A 285 8.39 7.27 20.16
CA ARG A 285 8.14 8.09 18.97
C ARG A 285 8.10 7.18 17.74
N ALA A 286 9.19 6.45 17.53
CA ALA A 286 9.29 5.52 16.40
C ALA A 286 8.13 4.53 16.37
N ILE A 287 7.89 3.87 17.49
CA ILE A 287 6.81 2.89 17.61
C ILE A 287 5.44 3.49 17.29
N GLU A 288 5.19 4.71 17.77
CA GLU A 288 3.90 5.37 17.49
C GLU A 288 3.73 5.72 16.02
N LYS A 289 4.80 6.16 15.38
CA LYS A 289 4.77 6.45 13.95
C LYS A 289 4.47 5.16 13.16
N GLU A 290 5.25 4.13 13.44
CA GLU A 290 5.07 2.80 12.84
C GLU A 290 3.63 2.32 12.99
N VAL A 291 3.13 2.35 14.22
CA VAL A 291 1.78 1.90 14.52
C VAL A 291 0.76 2.71 13.74
N HIS A 292 0.97 4.01 13.63
CA HIS A 292 0.08 4.86 12.84
C HIS A 292 0.00 4.37 11.40
N PHE A 293 1.15 4.32 10.73
CA PHE A 293 1.20 3.89 9.33
C PHE A 293 0.61 2.49 9.10
N ASN A 294 1.14 1.51 9.83
CA ASN A 294 0.72 0.12 9.67
C ASN A 294 -0.75 -0.12 10.03
N ASP A 295 -1.26 0.61 11.01
CA ASP A 295 -2.67 0.49 11.39
C ASP A 295 -3.55 1.13 10.33
N THR A 296 -3.03 2.18 9.68
CA THR A 296 -3.76 2.78 8.57
C THR A 296 -3.87 1.76 7.43
N LEU A 297 -2.75 1.12 7.11
CA LEU A 297 -2.74 0.06 6.10
C LEU A 297 -3.67 -1.09 6.47
N ALA A 298 -3.73 -1.41 7.76
CA ALA A 298 -4.61 -2.47 8.25
C ALA A 298 -6.08 -2.07 8.09
N ALA A 299 -6.37 -0.79 8.26
CA ALA A 299 -7.71 -0.27 8.08
C ALA A 299 -8.13 -0.38 6.62
N LEU A 300 -7.25 0.08 5.73
CA LEU A 300 -7.50 -0.02 4.30
C LEU A 300 -7.70 -1.48 3.89
N ALA A 301 -6.88 -2.36 4.44
CA ALA A 301 -6.95 -3.79 4.16
C ALA A 301 -8.26 -4.40 4.65
N THR A 302 -8.73 -3.93 5.80
CA THR A 302 -10.00 -4.38 6.36
C THR A 302 -11.14 -3.98 5.45
N ILE A 303 -11.12 -2.72 5.03
CA ILE A 303 -12.10 -2.18 4.09
C ILE A 303 -12.13 -3.03 2.82
N PHE A 304 -10.96 -3.23 2.21
CA PHE A 304 -10.85 -4.03 1.00
C PHE A 304 -11.37 -5.46 1.19
N ILE A 305 -10.99 -6.10 2.30
CA ILE A 305 -11.45 -7.45 2.58
C ILE A 305 -12.98 -7.55 2.66
N PHE A 306 -13.60 -6.72 3.50
CA PHE A 306 -15.05 -6.77 3.66
C PHE A 306 -15.80 -6.41 2.38
N VAL A 307 -15.38 -5.33 1.72
CA VAL A 307 -16.02 -4.90 0.49
C VAL A 307 -15.90 -5.96 -0.61
N LEU A 308 -14.72 -6.55 -0.75
CA LEU A 308 -14.49 -7.62 -1.72
C LEU A 308 -15.35 -8.84 -1.41
N LEU A 309 -15.48 -9.16 -0.12
CA LEU A 309 -16.37 -10.24 0.29
C LEU A 309 -17.80 -9.94 -0.16
N GLY A 310 -18.18 -8.67 -0.04
CA GLY A 310 -19.50 -8.25 -0.48
C GLY A 310 -19.69 -8.34 -1.99
N ALA A 311 -18.63 -8.06 -2.74
CA ALA A 311 -18.72 -8.02 -4.19
C ALA A 311 -18.53 -9.40 -4.83
N GLU A 312 -18.03 -10.35 -4.05
CA GLU A 312 -17.70 -11.66 -4.57
C GLU A 312 -18.89 -12.63 -4.54
N MSE A 313 -19.66 -12.56 -3.45
CA MSE A 313 -20.80 -13.45 -3.22
C MSE A 313 -21.77 -13.50 -4.39
O MSE A 313 -21.96 -12.51 -5.10
CB MSE A 313 -21.53 -13.00 -1.95
CG MSE A 313 -22.05 -11.56 -2.03
SE MSE A 313 -22.30 -10.70 -0.31
CE MSE A 313 -23.94 -11.59 0.27
N ASN A 314 -22.39 -14.65 -4.60
CA ASN A 314 -23.49 -14.76 -5.55
C ASN A 314 -24.80 -15.07 -4.84
N LEU A 315 -25.80 -14.22 -5.07
CA LEU A 315 -27.04 -14.27 -4.30
C LEU A 315 -27.88 -15.53 -4.57
N GLU A 316 -27.59 -16.21 -5.66
CA GLU A 316 -28.34 -17.40 -6.05
C GLU A 316 -28.16 -18.54 -5.04
N VAL A 317 -26.92 -18.99 -4.87
CA VAL A 317 -26.60 -20.06 -3.94
C VAL A 317 -26.95 -19.66 -2.51
N ILE A 318 -26.67 -18.41 -2.15
CA ILE A 318 -26.95 -17.90 -0.82
C ILE A 318 -28.44 -17.95 -0.49
N TRP A 319 -29.26 -17.43 -1.39
CA TRP A 319 -30.71 -17.42 -1.19
C TRP A 319 -31.29 -18.83 -1.30
N SER A 320 -30.57 -19.70 -2.00
CA SER A 320 -30.99 -21.10 -2.14
C SER A 320 -30.82 -21.87 -0.83
N ASN A 321 -29.83 -21.46 -0.04
CA ASN A 321 -29.55 -22.12 1.24
C ASN A 321 -29.46 -21.14 2.40
N LEU A 322 -30.27 -20.09 2.34
CA LEU A 322 -30.28 -19.06 3.38
C LEU A 322 -30.69 -19.66 4.71
N GLY A 323 -31.72 -20.51 4.69
CA GLY A 323 -32.20 -21.17 5.90
C GLY A 323 -31.16 -22.11 6.48
N LYS A 324 -30.46 -22.82 5.61
CA LYS A 324 -29.42 -23.76 6.05
C LYS A 324 -28.24 -23.03 6.68
N GLY A 325 -27.73 -22.03 5.97
CA GLY A 325 -26.62 -21.23 6.45
C GLY A 325 -26.96 -20.51 7.73
N LEU A 326 -28.20 -20.04 7.84
CA LEU A 326 -28.67 -19.38 9.05
C LEU A 326 -28.76 -20.38 10.20
N LEU A 327 -29.19 -21.60 9.87
CA LEU A 327 -29.29 -22.65 10.88
C LEU A 327 -27.90 -23.00 11.44
N VAL A 328 -26.93 -23.15 10.55
CA VAL A 328 -25.56 -23.41 10.95
C VAL A 328 -25.01 -22.25 11.76
N ALA A 329 -25.31 -21.03 11.33
CA ALA A 329 -24.85 -19.82 12.01
C ALA A 329 -25.36 -19.77 13.46
N LEU A 330 -26.67 -19.97 13.62
CA LEU A 330 -27.28 -19.99 14.94
C LEU A 330 -26.72 -21.15 15.76
N GLY A 331 -26.38 -22.24 15.08
CA GLY A 331 -25.75 -23.37 15.73
C GLY A 331 -24.38 -23.01 16.28
N VAL A 332 -23.70 -22.10 15.59
CA VAL A 332 -22.38 -21.64 16.02
C VAL A 332 -22.49 -20.65 17.17
N MSE A 333 -23.41 -19.70 17.04
CA MSE A 333 -23.58 -18.63 18.01
C MSE A 333 -24.15 -19.14 19.34
O MSE A 333 -23.71 -18.72 20.42
CB MSE A 333 -24.48 -17.53 17.45
CG MSE A 333 -23.95 -16.93 16.15
SE MSE A 333 -25.32 -15.87 15.24
CE MSE A 333 -25.83 -14.72 16.72
N ILE A 334 -25.15 -20.02 19.27
CA ILE A 334 -25.85 -20.49 20.46
C ILE A 334 -25.19 -21.71 21.09
N LEU A 335 -24.80 -22.67 20.26
CA LEU A 335 -24.27 -23.93 20.76
C LEU A 335 -22.73 -23.96 20.81
N ALA A 336 -22.10 -23.80 19.65
CA ALA A 336 -20.65 -23.95 19.51
C ALA A 336 -19.82 -23.14 20.49
N ARG A 337 -19.91 -21.81 20.38
CA ARG A 337 -19.13 -20.91 21.22
C ARG A 337 -19.27 -21.16 22.73
N PRO A 338 -20.50 -21.21 23.27
CA PRO A 338 -20.60 -21.44 24.71
C PRO A 338 -20.15 -22.83 25.14
N LEU A 339 -20.48 -23.84 24.35
CA LEU A 339 -20.09 -25.21 24.65
C LEU A 339 -18.58 -25.36 24.65
N ALA A 340 -17.91 -24.54 23.85
CA ALA A 340 -16.46 -24.54 23.81
C ALA A 340 -15.89 -23.61 24.88
N THR A 341 -16.75 -22.77 25.45
CA THR A 341 -16.33 -21.80 26.45
C THR A 341 -16.73 -22.24 27.87
N LEU A 342 -17.28 -23.45 27.99
CA LEU A 342 -17.69 -23.98 29.30
C LEU A 342 -16.59 -24.10 30.38
N PRO A 343 -15.33 -24.41 30.00
CA PRO A 343 -14.37 -24.49 31.10
C PRO A 343 -13.86 -23.11 31.55
N LEU A 344 -14.44 -22.05 31.01
CA LEU A 344 -14.00 -20.69 31.35
C LEU A 344 -14.63 -20.22 32.67
N LEU A 345 -15.73 -20.85 33.08
CA LEU A 345 -16.41 -20.46 34.31
C LEU A 345 -15.74 -21.04 35.56
N LYS A 346 -14.51 -21.51 35.42
CA LYS A 346 -13.72 -21.97 36.55
C LYS A 346 -12.96 -20.81 37.17
N TRP A 347 -13.06 -19.64 36.54
CA TRP A 347 -12.41 -18.43 37.04
C TRP A 347 -13.38 -17.26 36.99
N TRP A 348 -14.49 -17.44 36.28
CA TRP A 348 -15.51 -16.41 36.17
C TRP A 348 -16.87 -16.96 36.55
N ASN A 349 -17.83 -16.08 36.80
CA ASN A 349 -19.19 -16.50 37.14
C ASN A 349 -20.00 -16.86 35.91
N PHE A 350 -21.21 -17.39 36.13
CA PHE A 350 -22.05 -17.86 35.03
C PHE A 350 -22.48 -16.73 34.10
N ARG A 351 -22.72 -15.56 34.68
CA ARG A 351 -23.15 -14.39 33.92
C ARG A 351 -22.02 -13.88 33.03
N GLU A 352 -20.84 -13.73 33.62
CA GLU A 352 -19.65 -13.31 32.88
C GLU A 352 -19.33 -14.31 31.79
N TYR A 353 -19.37 -15.59 32.14
CA TYR A 353 -19.16 -16.67 31.18
C TYR A 353 -20.14 -16.59 30.02
N LEU A 354 -21.41 -16.36 30.34
CA LEU A 354 -22.45 -16.29 29.33
C LEU A 354 -22.22 -15.11 28.39
N PHE A 355 -21.82 -13.98 28.97
CA PHE A 355 -21.54 -12.78 28.19
C PHE A 355 -20.39 -13.05 27.22
N ILE A 356 -19.28 -13.56 27.73
CA ILE A 356 -18.13 -13.91 26.92
C ILE A 356 -18.49 -14.91 25.82
N ALA A 357 -19.32 -15.88 26.17
CA ALA A 357 -19.68 -16.96 25.27
C ALA A 357 -20.85 -16.61 24.34
N LEU A 358 -21.33 -15.38 24.45
CA LEU A 358 -22.39 -14.91 23.55
C LEU A 358 -21.98 -13.66 22.78
N GLU A 359 -20.83 -13.08 23.12
CA GLU A 359 -20.39 -11.85 22.47
C GLU A 359 -19.51 -12.06 21.23
N GLY A 360 -18.53 -12.97 21.33
CA GLY A 360 -17.55 -13.18 20.28
C GLY A 360 -18.10 -13.44 18.88
N PRO A 361 -17.97 -12.44 17.98
CA PRO A 361 -18.49 -12.52 16.61
C PRO A 361 -17.42 -12.93 15.61
N ARG A 362 -17.82 -13.11 14.35
CA ARG A 362 -16.88 -13.46 13.29
C ARG A 362 -16.75 -12.31 12.29
N GLY A 363 -15.51 -11.86 12.07
CA GLY A 363 -15.27 -10.68 11.25
C GLY A 363 -14.27 -10.84 10.13
N VAL A 364 -13.14 -10.14 10.24
CA VAL A 364 -12.16 -10.00 9.16
C VAL A 364 -11.56 -11.31 8.66
N VAL A 365 -10.87 -12.03 9.54
CA VAL A 365 -10.19 -13.27 9.17
C VAL A 365 -11.10 -14.33 8.51
N PRO A 366 -12.27 -14.63 9.10
CA PRO A 366 -13.14 -15.57 8.40
C PRO A 366 -13.68 -15.02 7.09
N SER A 367 -13.71 -13.69 6.96
CA SER A 367 -14.19 -13.05 5.74
C SER A 367 -13.15 -13.10 4.64
N ALA A 368 -11.88 -13.17 5.02
CA ALA A 368 -10.79 -13.25 4.05
C ALA A 368 -10.56 -14.69 3.62
N LEU A 369 -10.90 -15.63 4.49
CA LEU A 369 -10.73 -17.06 4.21
C LEU A 369 -12.04 -17.67 3.71
N ALA A 370 -13.02 -16.82 3.44
CA ALA A 370 -14.34 -17.27 3.02
C ALA A 370 -14.31 -18.00 1.68
N SER A 371 -13.66 -17.40 0.70
CA SER A 371 -13.64 -17.95 -0.65
C SER A 371 -12.31 -18.62 -1.00
N LEU A 372 -11.47 -18.84 0.01
CA LEU A 372 -10.21 -19.54 -0.19
C LEU A 372 -10.38 -20.96 -0.74
N PRO A 373 -11.26 -21.78 -0.14
CA PRO A 373 -11.43 -23.13 -0.72
C PRO A 373 -12.08 -23.09 -2.10
N LEU A 374 -12.93 -22.11 -2.34
CA LEU A 374 -13.55 -21.93 -3.66
C LEU A 374 -12.50 -21.57 -4.69
N SER A 375 -11.64 -20.63 -4.33
CA SER A 375 -10.54 -20.20 -5.18
C SER A 375 -9.64 -21.38 -5.51
N LEU A 376 -9.27 -22.14 -4.48
CA LEU A 376 -8.44 -23.33 -4.65
C LEU A 376 -9.11 -24.37 -5.55
N ALA A 377 -10.43 -24.48 -5.43
CA ALA A 377 -11.20 -25.40 -6.26
C ALA A 377 -11.14 -24.97 -7.72
N LEU A 378 -11.22 -23.66 -7.96
CA LEU A 378 -11.08 -23.13 -9.31
C LEU A 378 -9.65 -23.27 -9.83
N LYS A 379 -8.70 -23.34 -8.90
CA LYS A 379 -7.30 -23.48 -9.26
C LYS A 379 -6.93 -24.94 -9.50
N TYR A 380 -7.10 -25.76 -8.47
CA TYR A 380 -6.67 -27.16 -8.54
C TYR A 380 -7.85 -28.10 -8.55
N LYS A 381 -7.66 -29.29 -9.12
CA LYS A 381 -8.71 -30.29 -9.17
C LYS A 381 -8.46 -31.39 -8.14
N SER A 382 -9.35 -31.48 -7.16
CA SER A 382 -9.25 -32.49 -6.11
C SER A 382 -10.54 -33.30 -6.01
N PRO A 383 -10.42 -34.61 -5.81
CA PRO A 383 -11.59 -35.49 -5.69
C PRO A 383 -12.41 -35.20 -4.42
N LEU A 384 -11.76 -34.59 -3.44
CA LEU A 384 -12.43 -34.26 -2.18
C LEU A 384 -13.21 -32.95 -2.29
N LEU A 385 -12.48 -31.84 -2.38
CA LEU A 385 -13.09 -30.52 -2.48
C LEU A 385 -13.46 -30.18 -3.91
N THR A 386 -14.70 -29.75 -4.12
CA THR A 386 -15.17 -29.33 -5.44
C THR A 386 -15.48 -27.85 -5.47
N VAL A 387 -16.16 -27.40 -6.52
CA VAL A 387 -16.50 -25.99 -6.68
C VAL A 387 -17.74 -25.60 -5.89
N HIS A 388 -18.84 -26.31 -6.12
CA HIS A 388 -20.12 -25.98 -5.48
C HIS A 388 -20.08 -26.11 -3.96
N TRP A 389 -19.25 -27.02 -3.45
CA TRP A 389 -19.07 -27.14 -2.01
C TRP A 389 -18.28 -25.95 -1.47
N GLY A 390 -17.40 -25.41 -2.30
CA GLY A 390 -16.69 -24.20 -1.95
C GLY A 390 -17.64 -23.02 -1.93
N GLU A 391 -18.61 -23.05 -2.85
CA GLU A 391 -19.67 -22.04 -2.89
C GLU A 391 -20.50 -22.11 -1.62
N ILE A 392 -20.86 -23.33 -1.23
CA ILE A 392 -21.63 -23.57 -0.01
C ILE A 392 -20.88 -23.07 1.22
N ILE A 393 -19.60 -23.43 1.32
CA ILE A 393 -18.76 -22.99 2.43
C ILE A 393 -18.67 -21.47 2.50
N MSE A 394 -18.37 -20.84 1.37
CA MSE A 394 -18.24 -19.39 1.31
C MSE A 394 -19.54 -18.69 1.73
O MSE A 394 -19.53 -17.79 2.58
CB MSE A 394 -17.84 -18.93 -0.09
CG MSE A 394 -17.63 -17.42 -0.21
SE MSE A 394 -17.52 -16.77 -2.04
CE MSE A 394 -19.32 -17.23 -2.63
N ALA A 395 -20.65 -19.10 1.13
CA ALA A 395 -21.95 -18.51 1.43
C ALA A 395 -22.32 -18.68 2.90
N THR A 396 -22.09 -19.88 3.43
CA THR A 396 -22.37 -20.18 4.83
C THR A 396 -21.52 -19.29 5.74
N VAL A 397 -20.28 -19.06 5.33
CA VAL A 397 -19.38 -18.18 6.07
C VAL A 397 -19.90 -16.73 6.05
N VAL A 398 -20.39 -16.29 4.90
CA VAL A 398 -20.97 -14.96 4.78
C VAL A 398 -22.17 -14.77 5.70
N ILE A 399 -23.13 -15.69 5.60
CA ILE A 399 -24.31 -15.67 6.47
C ILE A 399 -23.91 -15.70 7.94
N THR A 400 -22.95 -16.54 8.27
CA THR A 400 -22.44 -16.67 9.63
C THR A 400 -21.90 -15.34 10.14
N VAL A 401 -21.04 -14.70 9.33
CA VAL A 401 -20.46 -13.42 9.68
C VAL A 401 -21.51 -12.34 9.89
N LEU A 402 -22.40 -12.19 8.91
CA LEU A 402 -23.46 -11.18 8.99
C LEU A 402 -24.35 -11.37 10.23
N THR A 403 -24.87 -12.57 10.40
CA THR A 403 -25.75 -12.86 11.53
C THR A 403 -25.04 -12.69 12.87
N SER A 404 -23.82 -13.21 12.98
CA SER A 404 -23.03 -13.10 14.20
C SER A 404 -22.78 -11.65 14.58
N VAL A 405 -22.22 -10.88 13.64
CA VAL A 405 -21.95 -9.46 13.88
C VAL A 405 -23.22 -8.70 14.27
N ILE A 406 -24.22 -8.75 13.38
CA ILE A 406 -25.47 -8.02 13.60
C ILE A 406 -26.14 -8.36 14.93
N VAL A 407 -26.43 -9.64 15.15
CA VAL A 407 -27.12 -10.07 16.37
C VAL A 407 -26.30 -9.83 17.64
N GLU A 408 -25.05 -10.29 17.64
CA GLU A 408 -24.21 -10.19 18.84
C GLU A 408 -23.73 -8.77 19.14
N THR A 409 -23.93 -7.86 18.19
CA THR A 409 -23.69 -6.44 18.47
C THR A 409 -25.01 -5.80 18.92
N LEU A 410 -26.12 -6.37 18.44
CA LEU A 410 -27.45 -5.84 18.74
C LEU A 410 -27.88 -6.12 20.18
N TRP A 411 -27.68 -7.36 20.63
CA TRP A 411 -28.21 -7.77 21.93
C TRP A 411 -27.32 -7.40 23.12
N ILE A 412 -26.32 -6.57 22.88
CA ILE A 412 -25.39 -6.15 23.93
C ILE A 412 -26.05 -5.50 25.17
N PRO A 413 -26.93 -4.49 24.97
CA PRO A 413 -27.53 -3.88 26.16
C PRO A 413 -28.47 -4.83 26.90
N ILE A 414 -29.29 -5.57 26.16
CA ILE A 414 -30.23 -6.51 26.76
C ILE A 414 -29.50 -7.60 27.54
N LEU A 415 -28.39 -8.07 26.98
CA LEU A 415 -27.60 -9.12 27.62
C LEU A 415 -26.83 -8.59 28.83
N LYS A 416 -26.26 -7.40 28.69
CA LYS A 416 -25.45 -6.81 29.76
C LYS A 416 -26.29 -6.47 30.99
N ASP A 417 -27.40 -5.76 30.77
CA ASP A 417 -28.26 -5.34 31.88
C ASP A 417 -28.87 -6.52 32.65
N LYS A 418 -28.88 -7.69 32.03
CA LYS A 418 -29.36 -8.89 32.69
C LYS A 418 -28.23 -9.60 33.44
N LEU A 419 -27.05 -9.61 32.84
CA LEU A 419 -25.90 -10.32 33.42
C LEU A 419 -25.08 -9.44 34.37
N ASP A 420 -24.67 -8.26 33.88
CA ASP A 420 -23.87 -7.35 34.70
C ASP A 420 -24.10 -5.89 34.29
N MSE B 1 17.78 -17.37 -7.67
CA MSE B 1 16.43 -17.51 -8.21
C MSE B 1 15.61 -18.48 -7.35
O MSE B 1 14.55 -18.96 -7.76
CB MSE B 1 16.49 -17.98 -9.66
CG MSE B 1 15.22 -17.71 -10.47
SE MSE B 1 14.52 -15.92 -10.22
CE MSE B 1 12.81 -16.36 -9.41
N ILE B 2 16.12 -18.76 -6.15
CA ILE B 2 15.45 -19.68 -5.22
C ILE B 2 14.15 -19.08 -4.68
N GLU B 3 14.09 -17.76 -4.61
CA GLU B 3 12.94 -17.06 -4.05
C GLU B 3 11.66 -17.25 -4.86
N LEU B 4 10.55 -16.80 -4.29
CA LEU B 4 9.27 -16.80 -5.00
C LEU B 4 9.31 -15.70 -6.06
N SER B 5 8.75 -16.00 -7.23
CA SER B 5 8.85 -15.11 -8.38
C SER B 5 8.17 -13.75 -8.16
N LEU B 6 6.98 -13.75 -7.57
CA LEU B 6 6.24 -12.51 -7.40
C LEU B 6 6.38 -11.87 -6.01
N ALA B 7 5.81 -12.54 -5.00
CA ALA B 7 5.76 -12.00 -3.65
C ALA B 7 7.14 -11.71 -3.04
N GLU B 8 8.00 -12.73 -3.04
CA GLU B 8 9.34 -12.57 -2.46
C GLU B 8 10.21 -11.61 -3.26
N ALA B 9 9.85 -11.37 -4.51
CA ALA B 9 10.54 -10.37 -5.32
C ALA B 9 10.20 -8.98 -4.80
N LEU B 10 8.91 -8.71 -4.65
CA LEU B 10 8.42 -7.47 -4.06
C LEU B 10 9.05 -7.24 -2.69
N PHE B 11 8.98 -8.26 -1.84
CA PHE B 11 9.56 -8.18 -0.51
C PHE B 11 11.07 -7.97 -0.57
N LEU B 12 11.72 -8.50 -1.60
CA LEU B 12 13.15 -8.32 -1.76
C LEU B 12 13.45 -6.86 -2.08
N ILE B 13 12.65 -6.28 -2.96
CA ILE B 13 12.77 -4.87 -3.31
C ILE B 13 12.57 -3.98 -2.09
N LEU B 14 11.54 -4.30 -1.30
CA LEU B 14 11.24 -3.55 -0.09
C LEU B 14 12.38 -3.64 0.93
N PHE B 15 12.78 -4.87 1.25
CA PHE B 15 13.82 -5.12 2.26
C PHE B 15 15.17 -4.52 1.87
N THR B 16 15.65 -4.90 0.69
CA THR B 16 16.93 -4.39 0.20
C THR B 16 16.89 -2.88 0.02
N GLY B 17 15.74 -2.35 -0.39
CA GLY B 17 15.58 -0.91 -0.54
C GLY B 17 15.64 -0.17 0.78
N VAL B 18 15.05 -0.78 1.82
CA VAL B 18 15.09 -0.22 3.16
C VAL B 18 16.52 -0.22 3.72
N ILE B 19 17.19 -1.36 3.61
CA ILE B 19 18.59 -1.46 4.05
C ILE B 19 19.45 -0.43 3.31
N SER B 20 19.22 -0.32 2.00
CA SER B 20 19.92 0.65 1.17
C SER B 20 19.68 2.08 1.63
N MSE B 21 18.44 2.36 2.05
CA MSE B 21 18.08 3.68 2.56
C MSE B 21 18.83 3.97 3.85
O MSE B 21 19.40 5.06 4.03
CB MSE B 21 16.57 3.76 2.79
CG MSE B 21 16.09 5.06 3.39
SE MSE B 21 14.18 5.07 3.76
CE MSE B 21 14.10 3.54 4.98
N LEU B 22 18.84 2.99 4.75
CA LEU B 22 19.56 3.10 6.02
C LEU B 22 21.03 3.41 5.78
N ILE B 23 21.71 2.56 5.03
CA ILE B 23 23.13 2.75 4.74
C ILE B 23 23.38 4.04 3.97
N SER B 24 22.37 4.51 3.24
CA SER B 24 22.49 5.77 2.51
C SER B 24 22.51 6.95 3.47
N ARG B 25 21.62 6.92 4.46
CA ARG B 25 21.60 7.97 5.48
C ARG B 25 22.86 7.93 6.34
N ARG B 26 23.27 6.73 6.73
CA ARG B 26 24.47 6.57 7.56
C ARG B 26 25.73 7.04 6.83
N THR B 27 25.87 6.66 5.56
CA THR B 27 27.04 7.05 4.77
C THR B 27 27.00 8.53 4.43
N GLY B 28 25.81 9.03 4.12
CA GLY B 28 25.65 10.42 3.72
C GLY B 28 25.62 10.54 2.20
N ILE B 29 25.89 9.43 1.53
CA ILE B 29 25.86 9.37 0.08
C ILE B 29 24.41 9.39 -0.42
N SER B 30 24.21 9.90 -1.63
CA SER B 30 22.88 10.01 -2.22
C SER B 30 22.14 8.67 -2.28
N TYR B 31 20.82 8.73 -2.16
CA TYR B 31 20.00 7.52 -2.17
C TYR B 31 19.79 6.97 -3.58
N VAL B 32 19.88 7.86 -4.57
CA VAL B 32 19.69 7.46 -5.97
C VAL B 32 20.68 6.38 -6.46
N PRO B 33 22.00 6.66 -6.39
CA PRO B 33 22.91 5.64 -6.93
C PRO B 33 22.95 4.38 -6.07
N ILE B 34 22.61 4.52 -4.79
CA ILE B 34 22.54 3.37 -3.89
C ILE B 34 21.38 2.46 -4.29
N PHE B 35 20.21 3.06 -4.54
CA PHE B 35 19.05 2.30 -4.97
C PHE B 35 19.26 1.67 -6.34
N ILE B 36 19.80 2.45 -7.27
CA ILE B 36 20.11 1.95 -8.60
C ILE B 36 21.08 0.77 -8.54
N LEU B 37 22.12 0.92 -7.71
CA LEU B 37 23.10 -0.14 -7.52
C LEU B 37 22.47 -1.38 -6.91
N THR B 38 21.54 -1.18 -5.97
CA THR B 38 20.82 -2.28 -5.34
C THR B 38 20.03 -3.07 -6.38
N GLY B 39 19.29 -2.34 -7.21
CA GLY B 39 18.55 -2.95 -8.29
C GLY B 39 19.47 -3.71 -9.23
N LEU B 40 20.62 -3.11 -9.51
CA LEU B 40 21.64 -3.75 -10.35
C LEU B 40 22.12 -5.07 -9.75
N VAL B 41 22.26 -5.10 -8.42
CA VAL B 41 22.70 -6.30 -7.73
C VAL B 41 21.63 -7.39 -7.78
N ILE B 42 20.44 -7.08 -7.31
CA ILE B 42 19.37 -8.08 -7.24
C ILE B 42 18.72 -8.35 -8.61
N GLY B 43 18.98 -7.49 -9.57
CA GLY B 43 18.39 -7.61 -10.89
C GLY B 43 19.29 -8.31 -11.90
N PRO B 44 20.02 -7.53 -12.70
CA PRO B 44 20.91 -8.05 -13.75
C PRO B 44 22.00 -8.98 -13.21
N LEU B 45 22.61 -8.61 -12.09
CA LEU B 45 23.73 -9.37 -11.53
C LEU B 45 23.31 -10.73 -10.97
N LEU B 46 22.64 -10.72 -9.82
CA LEU B 46 22.29 -11.96 -9.13
C LEU B 46 21.13 -12.70 -9.78
N LYS B 47 20.48 -12.06 -10.75
CA LYS B 47 19.39 -12.67 -11.52
C LYS B 47 18.21 -13.12 -10.65
N LEU B 48 18.08 -12.50 -9.48
CA LEU B 48 16.98 -12.79 -8.57
C LEU B 48 15.67 -12.25 -9.12
N ILE B 49 15.74 -11.08 -9.73
CA ILE B 49 14.56 -10.44 -10.32
C ILE B 49 14.79 -10.14 -11.79
N PRO B 50 14.25 -10.99 -12.68
CA PRO B 50 14.33 -10.80 -14.13
C PRO B 50 13.53 -9.58 -14.59
N ARG B 51 13.75 -9.18 -15.84
CA ARG B 51 13.13 -7.96 -16.38
C ARG B 51 11.62 -8.09 -16.53
N ASP B 52 11.12 -9.31 -16.63
CA ASP B 52 9.69 -9.56 -16.78
C ASP B 52 8.93 -9.05 -15.56
N LEU B 53 9.32 -9.54 -14.39
CA LEU B 53 8.73 -9.13 -13.13
C LEU B 53 8.95 -7.63 -12.91
N ALA B 54 10.12 -7.14 -13.30
CA ALA B 54 10.45 -5.73 -13.21
C ALA B 54 9.42 -4.88 -13.94
N HIS B 55 9.13 -5.26 -15.19
CA HIS B 55 8.14 -4.55 -16.00
C HIS B 55 6.73 -4.67 -15.42
N GLU B 56 6.33 -5.90 -15.10
CA GLU B 56 4.99 -6.16 -14.56
C GLU B 56 4.69 -5.35 -13.30
N ILE B 57 5.66 -5.31 -12.39
CA ILE B 57 5.54 -4.53 -11.17
C ILE B 57 5.58 -3.03 -11.48
N PHE B 58 6.47 -2.65 -12.39
CA PHE B 58 6.65 -1.24 -12.76
C PHE B 58 5.40 -0.65 -13.40
N ASP B 59 4.56 -1.50 -13.98
CA ASP B 59 3.32 -1.02 -14.60
C ASP B 59 2.31 -0.51 -13.58
N PHE B 60 2.35 -1.07 -12.37
CA PHE B 60 1.47 -0.64 -11.28
C PHE B 60 2.15 0.46 -10.45
N VAL B 61 3.42 0.21 -10.13
CA VAL B 61 4.23 1.15 -9.37
C VAL B 61 4.35 2.50 -10.08
N ARG B 62 4.29 2.48 -11.42
CA ARG B 62 4.29 3.71 -12.18
C ARG B 62 3.09 4.58 -11.81
N VAL B 63 1.90 4.05 -12.02
CA VAL B 63 0.66 4.76 -11.72
C VAL B 63 0.57 5.16 -10.24
N PHE B 64 0.43 4.15 -9.38
CA PHE B 64 0.26 4.38 -7.94
C PHE B 64 1.38 5.26 -7.38
N GLY B 65 2.61 4.83 -7.62
CA GLY B 65 3.79 5.54 -7.16
C GLY B 65 3.86 6.99 -7.59
N LEU B 66 3.75 7.23 -8.89
CA LEU B 66 3.82 8.61 -9.40
C LEU B 66 2.69 9.48 -8.84
N VAL B 67 1.47 8.96 -8.84
CA VAL B 67 0.34 9.71 -8.31
C VAL B 67 0.57 10.13 -6.85
N ILE B 68 0.91 9.16 -6.01
CA ILE B 68 1.13 9.46 -4.59
C ILE B 68 2.35 10.39 -4.39
N ILE B 69 3.36 10.24 -5.24
CA ILE B 69 4.56 11.07 -5.17
C ILE B 69 4.23 12.53 -5.45
N LEU B 70 3.50 12.76 -6.54
CA LEU B 70 3.12 14.11 -6.91
C LEU B 70 2.15 14.71 -5.91
N PHE B 71 1.31 13.87 -5.31
CA PHE B 71 0.38 14.32 -4.29
C PHE B 71 1.13 14.82 -3.05
N THR B 72 2.04 13.99 -2.54
CA THR B 72 2.83 14.38 -1.37
C THR B 72 3.76 15.56 -1.66
N GLU B 73 4.25 15.64 -2.89
CA GLU B 73 5.06 16.79 -3.32
C GLU B 73 4.21 18.05 -3.31
N GLY B 74 2.94 17.89 -3.66
CA GLY B 74 1.99 18.99 -3.61
C GLY B 74 1.75 19.42 -2.18
N HIS B 75 1.72 18.45 -1.27
CA HIS B 75 1.55 18.74 0.16
C HIS B 75 2.69 19.59 0.72
N ASN B 76 3.93 19.19 0.43
CA ASN B 76 5.10 19.92 0.92
C ASN B 76 5.40 21.17 0.11
N LEU B 77 4.40 22.01 -0.08
CA LEU B 77 4.55 23.25 -0.84
C LEU B 77 3.89 24.42 -0.11
N SER B 78 4.64 25.49 0.06
CA SER B 78 4.10 26.72 0.64
C SER B 78 3.92 27.78 -0.44
N TRP B 79 2.68 28.20 -0.65
CA TRP B 79 2.34 29.09 -1.76
C TRP B 79 2.92 30.49 -1.60
N ARG B 80 3.21 30.89 -0.37
CA ARG B 80 3.77 32.22 -0.10
C ARG B 80 5.21 32.33 -0.62
N LEU B 81 6.01 31.30 -0.36
CA LEU B 81 7.38 31.24 -0.85
C LEU B 81 7.40 31.28 -2.37
N LEU B 82 6.37 30.68 -2.98
CA LEU B 82 6.21 30.72 -4.43
C LEU B 82 5.92 32.15 -4.88
N LYS B 83 4.90 32.76 -4.29
CA LYS B 83 4.48 34.11 -4.65
C LYS B 83 5.58 35.14 -4.46
N LYS B 84 6.49 34.87 -3.54
CA LYS B 84 7.60 35.79 -3.27
C LYS B 84 8.58 35.83 -4.44
N ASN B 85 8.75 34.69 -5.11
CA ASN B 85 9.62 34.60 -6.27
C ASN B 85 8.95 33.91 -7.46
N MSE B 86 7.74 34.37 -7.79
CA MSE B 86 6.94 33.72 -8.83
C MSE B 86 7.47 33.79 -10.28
O MSE B 86 7.61 32.75 -10.92
CB MSE B 86 5.48 34.21 -8.80
CG MSE B 86 4.53 33.36 -9.64
SE MSE B 86 3.00 34.35 -10.30
CE MSE B 86 3.91 35.52 -11.57
N PRO B 87 7.77 35.00 -10.79
CA PRO B 87 8.06 35.13 -12.23
C PRO B 87 9.24 34.29 -12.71
N THR B 88 10.28 34.18 -11.89
CA THR B 88 11.46 33.41 -12.25
C THR B 88 11.19 31.90 -12.26
N ILE B 89 10.09 31.50 -11.62
CA ILE B 89 9.73 30.09 -11.53
C ILE B 89 8.70 29.68 -12.58
N VAL B 90 7.62 30.46 -12.66
CA VAL B 90 6.49 30.13 -13.54
C VAL B 90 6.87 30.01 -15.01
N THR B 91 7.77 30.87 -15.47
CA THR B 91 8.19 30.89 -16.87
C THR B 91 9.01 29.67 -17.25
N LEU B 92 9.93 29.27 -16.37
CA LEU B 92 10.83 28.15 -16.67
C LEU B 92 10.08 26.82 -16.71
N ASP B 93 8.97 26.72 -15.98
CA ASP B 93 8.13 25.54 -16.04
C ASP B 93 7.16 25.63 -17.20
N THR B 94 6.97 26.85 -17.71
CA THR B 94 6.10 27.09 -18.85
C THR B 94 6.90 27.01 -20.15
N ILE B 95 8.07 27.64 -20.16
CA ILE B 95 8.89 27.72 -21.36
C ILE B 95 10.21 26.95 -21.23
N GLY B 96 10.96 27.22 -20.17
CA GLY B 96 12.26 26.60 -19.95
C GLY B 96 12.25 25.09 -19.95
N LEU B 97 11.18 24.51 -19.42
CA LEU B 97 11.01 23.06 -19.42
C LEU B 97 10.92 22.52 -20.84
N ILE B 98 9.99 23.07 -21.60
CA ILE B 98 9.79 22.69 -23.00
C ILE B 98 11.03 23.01 -23.82
N LEU B 99 11.71 24.10 -23.46
CA LEU B 99 12.92 24.52 -24.14
C LEU B 99 14.02 23.47 -23.98
N THR B 100 14.31 23.08 -22.75
CA THR B 100 15.32 22.06 -22.49
C THR B 100 14.88 20.71 -23.02
N ALA B 101 13.57 20.51 -23.14
CA ALA B 101 13.04 19.29 -23.72
C ALA B 101 13.39 19.22 -25.21
N LEU B 102 13.24 20.35 -25.89
CA LEU B 102 13.57 20.44 -27.31
C LEU B 102 15.07 20.37 -27.57
N ILE B 103 15.85 21.04 -26.73
CA ILE B 103 17.31 21.00 -26.89
C ILE B 103 17.86 19.61 -26.60
N ALA B 104 17.35 18.97 -25.54
CA ALA B 104 17.73 17.60 -25.23
C ALA B 104 17.30 16.67 -26.35
N GLY B 105 16.13 16.95 -26.93
CA GLY B 105 15.62 16.17 -28.03
C GLY B 105 16.52 16.21 -29.24
N PHE B 106 16.90 17.42 -29.63
CA PHE B 106 17.80 17.62 -30.76
C PHE B 106 19.16 16.97 -30.50
N ILE B 107 19.71 17.23 -29.32
CA ILE B 107 21.03 16.72 -28.97
C ILE B 107 21.03 15.20 -28.78
N PHE B 108 19.83 14.61 -28.67
CA PHE B 108 19.69 13.17 -28.61
C PHE B 108 19.59 12.61 -30.02
N LYS B 109 18.83 13.30 -30.87
CA LYS B 109 18.63 12.89 -32.25
C LYS B 109 19.93 12.93 -33.06
N VAL B 110 20.74 13.96 -32.81
CA VAL B 110 21.98 14.13 -33.57
C VAL B 110 23.06 13.13 -33.20
N VAL B 111 22.91 12.46 -32.07
CA VAL B 111 23.91 11.49 -31.62
C VAL B 111 23.45 10.05 -31.79
N PHE B 112 22.16 9.80 -31.59
CA PHE B 112 21.64 8.44 -31.74
C PHE B 112 20.99 8.21 -33.11
N ASN B 113 21.01 9.25 -33.95
CA ASN B 113 20.47 9.18 -35.30
C ASN B 113 19.03 8.66 -35.35
N SER B 114 18.09 9.52 -34.96
CA SER B 114 16.69 9.13 -34.91
C SER B 114 15.77 10.23 -35.41
N SER B 115 14.53 10.22 -34.90
CA SER B 115 13.55 11.24 -35.24
C SER B 115 13.61 12.35 -34.19
N PHE B 116 13.13 13.54 -34.55
CA PHE B 116 13.05 14.63 -33.59
C PHE B 116 11.97 14.32 -32.56
N LEU B 117 11.04 13.46 -32.95
CA LEU B 117 9.93 13.07 -32.09
C LEU B 117 10.40 12.15 -30.96
N LEU B 118 11.25 11.19 -31.29
CA LEU B 118 11.82 10.28 -30.29
C LEU B 118 12.76 11.02 -29.35
N GLY B 119 13.55 11.92 -29.91
CA GLY B 119 14.42 12.77 -29.13
C GLY B 119 13.58 13.58 -28.16
N PHE B 120 12.47 14.13 -28.66
CA PHE B 120 11.56 14.90 -27.82
C PHE B 120 10.90 14.01 -26.77
N LEU B 121 10.80 12.71 -27.06
CA LEU B 121 10.29 11.77 -26.07
C LEU B 121 11.29 11.63 -24.93
N PHE B 122 12.56 11.48 -25.29
CA PHE B 122 13.62 11.44 -24.28
C PHE B 122 13.64 12.71 -23.43
N GLY B 123 13.55 13.85 -24.11
CA GLY B 123 13.58 15.14 -23.43
C GLY B 123 12.39 15.35 -22.51
N ALA B 124 11.21 14.92 -22.95
CA ALA B 124 9.99 15.06 -22.16
C ALA B 124 10.02 14.14 -20.95
N ILE B 125 10.50 12.91 -21.15
CA ILE B 125 10.68 11.97 -20.05
C ILE B 125 11.63 12.54 -19.01
N ILE B 126 12.71 13.14 -19.49
CA ILE B 126 13.78 13.62 -18.62
C ILE B 126 13.55 15.07 -18.17
N GLY B 127 12.37 15.59 -18.46
CA GLY B 127 12.03 16.97 -18.14
C GLY B 127 12.07 17.32 -16.66
N ALA B 128 11.34 16.55 -15.86
CA ALA B 128 11.23 16.82 -14.42
C ALA B 128 12.57 16.75 -13.70
N THR B 129 12.68 17.49 -12.60
CA THR B 129 13.91 17.51 -11.81
C THR B 129 13.67 17.05 -10.36
N ASP B 130 14.76 16.69 -9.69
CA ASP B 130 14.68 16.21 -8.31
C ASP B 130 15.87 16.71 -7.50
N PRO B 131 15.65 17.77 -6.70
CA PRO B 131 16.69 18.40 -5.89
C PRO B 131 16.70 17.88 -4.45
N ALA B 132 16.00 16.78 -4.22
CA ALA B 132 15.92 16.18 -2.88
C ALA B 132 17.27 15.59 -2.46
N THR B 133 18.16 15.44 -3.43
CA THR B 133 19.51 14.93 -3.17
C THR B 133 20.40 16.04 -2.63
N LEU B 134 20.14 17.26 -3.09
CA LEU B 134 20.97 18.42 -2.75
C LEU B 134 20.64 18.98 -1.36
N ILE B 135 19.40 18.83 -0.95
CA ILE B 135 18.92 19.34 0.34
C ILE B 135 19.72 18.88 1.57
N PRO B 136 20.03 17.57 1.69
CA PRO B 136 20.82 17.14 2.85
C PRO B 136 22.19 17.82 2.93
N LEU B 137 22.74 18.20 1.78
CA LEU B 137 24.01 18.91 1.74
C LEU B 137 23.81 20.41 1.89
N PHE B 138 22.69 20.92 1.40
CA PHE B 138 22.38 22.35 1.48
C PHE B 138 22.24 22.84 2.92
N ARG B 139 21.55 22.05 3.74
CA ARG B 139 21.28 22.43 5.13
C ARG B 139 22.54 22.42 6.00
N GLN B 140 23.52 21.61 5.62
CA GLN B 140 24.77 21.53 6.38
C GLN B 140 25.85 22.42 5.79
N TYR B 141 25.65 22.88 4.55
CA TYR B 141 26.56 23.81 3.91
C TYR B 141 26.05 25.23 4.00
N ARG B 142 24.82 25.38 4.50
CA ARG B 142 24.21 26.69 4.74
C ARG B 142 24.14 27.56 3.49
N VAL B 143 23.68 26.97 2.39
CA VAL B 143 23.50 27.71 1.14
C VAL B 143 22.29 28.61 1.26
N LYS B 144 22.22 29.64 0.41
CA LYS B 144 21.13 30.62 0.45
C LYS B 144 19.77 29.97 0.23
N GLN B 145 18.76 30.47 0.94
CA GLN B 145 17.42 29.89 0.89
C GLN B 145 16.66 30.30 -0.35
N ASP B 146 16.93 31.51 -0.84
CA ASP B 146 16.20 32.10 -1.96
C ASP B 146 16.30 31.26 -3.24
N ILE B 147 17.38 30.50 -3.36
CA ILE B 147 17.56 29.61 -4.51
C ILE B 147 16.99 28.22 -4.25
N GLU B 148 17.10 27.76 -3.00
CA GLU B 148 16.57 26.46 -2.61
C GLU B 148 15.07 26.42 -2.80
N THR B 149 14.39 27.47 -2.36
CA THR B 149 12.95 27.58 -2.50
C THR B 149 12.50 27.50 -3.96
N VAL B 150 13.15 28.29 -4.82
CA VAL B 150 12.77 28.35 -6.23
C VAL B 150 13.12 27.06 -6.99
N ILE B 151 14.21 26.40 -6.60
CA ILE B 151 14.59 25.13 -7.22
C ILE B 151 13.62 24.02 -6.82
N VAL B 152 13.38 23.87 -5.52
CA VAL B 152 12.43 22.88 -5.01
C VAL B 152 11.05 23.09 -5.62
N THR B 153 10.57 24.34 -5.59
CA THR B 153 9.28 24.68 -6.19
C THR B 153 9.25 24.34 -7.67
N GLU B 154 10.34 24.68 -8.37
CA GLU B 154 10.49 24.34 -9.78
C GLU B 154 10.26 22.85 -10.01
N SER B 155 10.89 22.03 -9.18
CA SER B 155 10.71 20.58 -9.25
C SER B 155 9.26 20.18 -8.99
N ILE B 156 8.67 20.74 -7.94
CA ILE B 156 7.29 20.46 -7.56
C ILE B 156 6.33 20.68 -8.73
N PHE B 157 6.55 21.77 -9.47
CA PHE B 157 5.65 22.10 -10.56
C PHE B 157 6.02 21.46 -11.91
N ASN B 158 7.29 21.09 -12.09
CA ASN B 158 7.70 20.46 -13.35
C ASN B 158 7.49 18.95 -13.36
N ASP B 159 7.44 18.35 -12.19
CA ASP B 159 7.21 16.90 -12.08
C ASP B 159 5.96 16.38 -12.80
N PRO B 160 4.78 17.01 -12.58
CA PRO B 160 3.63 16.52 -13.34
C PRO B 160 3.61 17.07 -14.77
N LEU B 161 4.37 18.15 -15.00
CA LEU B 161 4.44 18.76 -16.32
C LEU B 161 5.37 17.97 -17.26
N GLY B 162 6.16 17.08 -16.67
CA GLY B 162 7.03 16.22 -17.46
C GLY B 162 6.31 14.97 -17.92
N ILE B 163 5.28 14.59 -17.18
CA ILE B 163 4.48 13.42 -17.50
C ILE B 163 3.52 13.70 -18.65
N VAL B 164 2.95 14.90 -18.66
CA VAL B 164 2.01 15.29 -19.71
C VAL B 164 2.71 15.44 -21.06
N LEU B 165 3.93 15.99 -21.05
CA LEU B 165 4.74 16.11 -22.26
C LEU B 165 5.14 14.73 -22.77
N THR B 166 5.43 13.84 -21.83
CA THR B 166 5.76 12.45 -22.16
C THR B 166 4.52 11.75 -22.70
N LEU B 167 3.37 12.06 -22.12
CA LEU B 167 2.11 11.43 -22.51
C LEU B 167 1.69 11.82 -23.92
N ILE B 168 2.02 13.04 -24.33
CA ILE B 168 1.63 13.52 -25.66
C ILE B 168 2.67 13.17 -26.72
N ALA B 169 3.95 13.16 -26.35
CA ALA B 169 5.01 12.79 -27.27
C ALA B 169 4.88 11.32 -27.64
N ILE B 170 4.45 10.52 -26.68
CA ILE B 170 4.16 9.11 -26.92
C ILE B 170 2.95 8.94 -27.82
N SER B 171 1.89 9.68 -27.51
CA SER B 171 0.62 9.56 -28.23
C SER B 171 0.74 9.84 -29.73
N MSE B 172 1.79 10.55 -30.13
CA MSE B 172 2.03 10.86 -31.53
C MSE B 172 2.53 9.63 -32.30
O MSE B 172 2.00 9.31 -33.37
CB MSE B 172 3.01 12.01 -31.67
CG MSE B 172 2.54 13.32 -31.07
SE MSE B 172 3.85 14.77 -31.26
CE MSE B 172 2.86 16.19 -30.36
N LEU B 173 3.54 8.96 -31.76
CA LEU B 173 4.12 7.80 -32.42
C LEU B 173 3.24 6.56 -32.38
N VAL B 174 2.49 6.39 -31.30
CA VAL B 174 1.55 5.28 -31.18
C VAL B 174 0.10 5.79 -31.20
N PRO B 175 -0.67 5.35 -32.20
CA PRO B 175 -2.04 5.84 -32.43
C PRO B 175 -3.03 5.39 -31.36
N GLY B 176 -2.86 4.17 -30.86
CA GLY B 176 -3.80 3.59 -29.91
C GLY B 176 -3.80 4.23 -28.54
N TYR B 177 -2.61 4.60 -28.05
CA TYR B 177 -2.47 5.14 -26.70
C TYR B 177 -3.20 6.47 -26.54
N GLY B 178 -3.11 7.31 -27.57
CA GLY B 178 -3.87 8.56 -27.57
C GLY B 178 -5.31 8.31 -27.94
N GLY B 179 -6.22 9.06 -27.33
CA GLY B 179 -7.64 8.88 -27.60
C GLY B 179 -8.51 9.98 -27.00
N GLY B 180 -9.69 10.17 -27.59
CA GLY B 180 -10.63 11.16 -27.11
C GLY B 180 -10.44 12.53 -27.75
N ILE B 181 -9.97 13.48 -26.96
CA ILE B 181 -9.79 14.86 -27.42
C ILE B 181 -8.56 15.01 -28.32
N PHE B 182 -7.44 14.42 -27.90
CA PHE B 182 -6.19 14.55 -28.63
C PHE B 182 -6.29 14.05 -30.08
N SER B 183 -6.94 12.92 -30.27
CA SER B 183 -7.09 12.33 -31.60
C SER B 183 -7.81 13.27 -32.56
N THR B 184 -8.97 13.77 -32.13
CA THR B 184 -9.77 14.67 -32.96
C THR B 184 -9.07 16.01 -33.20
N LEU B 185 -8.56 16.61 -32.12
CA LEU B 185 -7.90 17.91 -32.21
C LEU B 185 -6.67 17.86 -33.12
N SER B 186 -5.91 16.78 -33.03
CA SER B 186 -4.73 16.59 -33.87
C SER B 186 -5.10 16.27 -35.30
N GLU B 187 -6.20 15.53 -35.48
CA GLU B 187 -6.66 15.16 -36.81
C GLU B 187 -7.18 16.37 -37.57
N LYS B 188 -7.77 17.32 -36.84
CA LYS B 188 -8.38 18.49 -37.46
C LYS B 188 -7.43 19.68 -37.56
N LEU B 189 -6.47 19.78 -36.63
CA LEU B 189 -5.57 20.92 -36.60
C LEU B 189 -4.09 20.54 -36.61
N GLY B 190 -3.76 19.43 -37.26
CA GLY B 190 -2.38 19.00 -37.37
C GLY B 190 -1.76 18.56 -36.06
N ILE B 191 -0.47 18.27 -36.09
CA ILE B 191 0.24 17.76 -34.92
C ILE B 191 0.69 18.87 -33.95
N TYR B 192 1.42 19.84 -34.48
CA TYR B 192 1.99 20.91 -33.65
C TYR B 192 0.92 21.78 -33.00
N ALA B 193 0.09 22.43 -33.82
CA ALA B 193 -0.94 23.33 -33.32
C ALA B 193 -1.90 22.61 -32.37
N GLY B 194 -2.46 21.49 -32.85
CA GLY B 194 -3.36 20.69 -32.04
C GLY B 194 -2.70 20.19 -30.78
N GLY B 195 -1.39 19.96 -30.84
CA GLY B 195 -0.63 19.52 -29.68
C GLY B 195 -0.48 20.61 -28.64
N VAL B 196 -0.22 21.83 -29.08
CA VAL B 196 -0.11 22.97 -28.17
C VAL B 196 -1.45 23.30 -27.54
N ILE B 197 -2.50 23.31 -28.36
CA ILE B 197 -3.86 23.55 -27.87
C ILE B 197 -4.28 22.47 -26.87
N TYR B 198 -3.93 21.23 -27.18
CA TYR B 198 -4.21 20.11 -26.29
C TYR B 198 -3.44 20.24 -24.98
N PHE B 199 -2.23 20.78 -25.07
CA PHE B 199 -1.40 21.02 -23.90
C PHE B 199 -2.06 22.05 -22.98
N LEU B 200 -2.44 23.18 -23.57
CA LEU B 200 -3.12 24.25 -22.83
C LEU B 200 -4.41 23.74 -22.19
N TYR B 201 -5.17 22.97 -22.96
CA TYR B 201 -6.41 22.37 -22.47
C TYR B 201 -6.15 21.48 -21.27
N ASN B 202 -5.19 20.57 -21.41
CA ASN B 202 -4.83 19.64 -20.34
C ASN B 202 -4.42 20.36 -19.07
N VAL B 203 -3.51 21.34 -19.20
CA VAL B 203 -3.04 22.11 -18.06
C VAL B 203 -4.17 22.88 -17.36
N SER B 204 -4.93 23.63 -18.15
CA SER B 204 -6.04 24.43 -17.63
C SER B 204 -7.07 23.58 -16.90
N VAL B 205 -7.53 22.52 -17.55
CA VAL B 205 -8.53 21.64 -16.95
C VAL B 205 -8.00 20.92 -15.71
N SER B 206 -6.73 20.51 -15.76
CA SER B 206 -6.10 19.83 -14.64
C SER B 206 -6.02 20.74 -13.41
N ILE B 207 -5.60 21.98 -13.62
CA ILE B 207 -5.53 22.95 -12.53
C ILE B 207 -6.91 23.29 -11.99
N SER B 208 -7.86 23.50 -12.90
CA SER B 208 -9.24 23.81 -12.54
C SER B 208 -9.85 22.73 -11.64
N LEU B 209 -9.83 21.49 -12.14
CA LEU B 209 -10.37 20.35 -11.42
C LEU B 209 -9.58 20.09 -10.14
N GLY B 210 -8.30 20.41 -10.17
CA GLY B 210 -7.43 20.24 -9.02
C GLY B 210 -7.85 21.14 -7.87
N ILE B 211 -7.96 22.43 -8.15
CA ILE B 211 -8.39 23.40 -7.15
C ILE B 211 -9.83 23.10 -6.70
N PHE B 212 -10.70 22.80 -7.66
CA PHE B 212 -12.09 22.47 -7.36
C PHE B 212 -12.21 21.31 -6.38
N LEU B 213 -11.61 20.18 -6.72
CA LEU B 213 -11.68 18.99 -5.87
C LEU B 213 -10.93 19.17 -4.55
N GLY B 214 -9.87 19.98 -4.57
CA GLY B 214 -9.13 20.28 -3.37
C GLY B 214 -9.98 21.03 -2.36
N ILE B 215 -10.57 22.13 -2.81
CA ILE B 215 -11.42 22.95 -1.95
C ILE B 215 -12.69 22.19 -1.54
N LEU B 216 -13.26 21.44 -2.47
CA LEU B 216 -14.46 20.65 -2.20
C LEU B 216 -14.20 19.61 -1.12
N GLY B 217 -13.05 18.94 -1.23
CA GLY B 217 -12.66 17.95 -0.23
C GLY B 217 -12.37 18.59 1.11
N TYR B 218 -11.69 19.74 1.08
CA TYR B 218 -11.37 20.48 2.30
C TYR B 218 -12.63 20.93 3.03
N LYS B 219 -13.65 21.32 2.27
CA LYS B 219 -14.93 21.71 2.85
C LYS B 219 -15.71 20.49 3.33
N PHE B 220 -15.51 19.37 2.65
CA PHE B 220 -16.17 18.13 3.01
C PHE B 220 -15.65 17.62 4.35
N ILE B 221 -14.35 17.84 4.58
CA ILE B 221 -13.73 17.47 5.85
C ILE B 221 -14.40 18.15 7.04
N LYS B 222 -14.71 19.44 6.88
CA LYS B 222 -15.36 20.21 7.94
C LYS B 222 -16.85 19.89 8.05
N ARG B 223 -17.52 19.79 6.90
CA ARG B 223 -18.96 19.58 6.86
C ARG B 223 -19.40 18.27 7.51
N THR B 224 -18.57 17.23 7.39
CA THR B 224 -18.92 15.93 7.96
C THR B 224 -17.96 15.48 9.07
N GLY B 225 -16.98 16.32 9.38
CA GLY B 225 -16.09 16.10 10.50
C GLY B 225 -15.14 14.91 10.37
N ILE B 226 -14.14 15.05 9.50
CA ILE B 226 -13.14 14.00 9.31
C ILE B 226 -11.79 14.45 9.85
N PHE B 227 -11.54 14.18 11.13
CA PHE B 227 -10.29 14.58 11.77
C PHE B 227 -9.59 13.37 12.37
N ASP B 228 -10.36 12.34 12.69
CA ASP B 228 -9.84 11.20 13.43
C ASP B 228 -9.42 10.02 12.56
N PHE B 229 -8.47 9.25 13.09
CA PHE B 229 -8.01 8.01 12.48
C PHE B 229 -9.18 7.02 12.38
N PRO B 230 -9.23 6.26 11.27
CA PRO B 230 -8.33 6.32 10.13
C PRO B 230 -8.96 7.06 8.96
N GLU B 231 -10.06 7.77 9.23
CA GLU B 231 -10.86 8.40 8.18
C GLU B 231 -10.09 9.43 7.34
N ILE B 232 -9.23 10.20 7.99
CA ILE B 232 -8.52 11.27 7.30
C ILE B 232 -7.55 10.77 6.21
N GLU B 233 -6.72 9.79 6.54
CA GLU B 233 -5.74 9.23 5.60
C GLU B 233 -6.43 8.53 4.43
N ALA B 234 -7.41 7.69 4.76
CA ALA B 234 -8.17 6.96 3.75
C ALA B 234 -8.90 7.91 2.81
N PHE B 235 -9.58 8.89 3.38
CA PHE B 235 -10.35 9.85 2.58
C PHE B 235 -9.44 10.70 1.71
N SER B 236 -8.28 11.08 2.24
CA SER B 236 -7.33 11.88 1.47
C SER B 236 -6.75 11.09 0.31
N LEU B 237 -6.41 9.84 0.57
CA LEU B 237 -5.91 8.93 -0.45
C LEU B 237 -6.96 8.81 -1.57
N SER B 238 -8.19 8.47 -1.16
CA SER B 238 -9.29 8.34 -2.09
C SER B 238 -9.57 9.64 -2.84
N LEU B 239 -9.22 10.76 -2.23
CA LEU B 239 -9.42 12.07 -2.83
C LEU B 239 -8.42 12.28 -3.95
N ALA B 240 -7.16 12.01 -3.65
CA ALA B 240 -6.09 12.10 -4.64
C ALA B 240 -6.38 11.21 -5.84
N PHE B 241 -6.72 9.95 -5.57
CA PHE B 241 -7.01 9.02 -6.66
C PHE B 241 -8.32 9.33 -7.38
N LEU B 242 -9.24 10.00 -6.71
CA LEU B 242 -10.46 10.48 -7.36
C LEU B 242 -10.09 11.54 -8.39
N GLY B 243 -9.29 12.51 -7.94
CA GLY B 243 -8.79 13.55 -8.82
C GLY B 243 -8.07 12.97 -10.02
N PHE B 244 -7.23 11.97 -9.77
CA PHE B 244 -6.51 11.30 -10.84
C PHE B 244 -7.45 10.63 -11.83
N PHE B 245 -8.36 9.80 -11.34
CA PHE B 245 -9.20 8.98 -12.22
C PHE B 245 -10.29 9.75 -12.97
N ILE B 246 -10.96 10.68 -12.32
CA ILE B 246 -11.95 11.49 -13.04
C ILE B 246 -11.26 12.62 -13.80
N GLY B 247 -10.01 12.89 -13.44
CA GLY B 247 -9.21 13.84 -14.19
C GLY B 247 -8.74 13.23 -15.48
N GLU B 248 -8.55 11.91 -15.46
CA GLU B 248 -8.08 11.18 -16.64
C GLU B 248 -9.26 10.68 -17.46
N ARG B 249 -10.43 10.60 -16.82
CA ARG B 249 -11.63 10.09 -17.48
C ARG B 249 -12.13 11.07 -18.54
N LEU B 250 -11.95 12.36 -18.27
CA LEU B 250 -12.30 13.40 -19.25
C LEU B 250 -11.07 13.77 -20.08
N ASP B 251 -10.10 12.87 -20.11
CA ASP B 251 -8.87 13.04 -20.88
C ASP B 251 -8.07 14.27 -20.45
N ALA B 252 -7.39 14.15 -19.32
CA ALA B 252 -6.50 15.19 -18.82
C ALA B 252 -5.53 14.58 -17.80
N SER B 253 -4.39 15.25 -17.61
CA SER B 253 -3.37 14.73 -16.70
C SER B 253 -3.86 14.69 -15.25
N GLY B 254 -4.30 13.51 -14.82
CA GLY B 254 -4.76 13.31 -13.46
C GLY B 254 -3.63 13.44 -12.45
N TYR B 255 -2.40 13.35 -12.95
CA TYR B 255 -1.21 13.52 -12.11
C TYR B 255 -1.10 14.98 -11.69
N LEU B 256 -1.31 15.89 -12.62
CA LEU B 256 -1.30 17.33 -12.34
C LEU B 256 -2.49 17.67 -11.45
N VAL B 257 -3.61 16.98 -11.66
CA VAL B 257 -4.79 17.17 -10.83
C VAL B 257 -4.49 16.82 -9.38
N ALA B 258 -3.87 15.66 -9.19
CA ALA B 258 -3.48 15.20 -7.85
C ALA B 258 -2.46 16.15 -7.23
N THR B 259 -1.55 16.67 -8.05
CA THR B 259 -0.54 17.61 -7.60
C THR B 259 -1.20 18.88 -7.06
N VAL B 260 -2.07 19.48 -7.87
CA VAL B 260 -2.79 20.69 -7.49
C VAL B 260 -3.65 20.48 -6.26
N THR B 261 -4.27 19.30 -6.18
CA THR B 261 -5.06 18.93 -5.01
C THR B 261 -4.18 18.92 -3.76
N GLY B 262 -2.98 18.35 -3.91
CA GLY B 262 -2.00 18.33 -2.84
C GLY B 262 -1.55 19.73 -2.45
N ILE B 263 -1.56 20.64 -3.43
CA ILE B 263 -1.23 22.03 -3.18
C ILE B 263 -2.32 22.70 -2.35
N VAL B 264 -3.57 22.42 -2.71
CA VAL B 264 -4.72 22.97 -1.99
C VAL B 264 -4.75 22.49 -0.54
N LEU B 265 -4.70 21.18 -0.35
CA LEU B 265 -4.71 20.60 1.00
C LEU B 265 -3.46 20.97 1.78
N GLY B 266 -2.35 21.11 1.08
CA GLY B 266 -1.09 21.47 1.71
C GLY B 266 -1.10 22.92 2.20
N ASN B 267 -1.90 23.75 1.56
CA ASN B 267 -2.03 25.16 1.96
C ASN B 267 -3.47 25.52 2.32
N TYR B 268 -4.04 24.78 3.26
CA TYR B 268 -5.40 25.02 3.73
C TYR B 268 -5.51 26.34 4.48
N LYS B 269 -4.41 26.74 5.10
CA LYS B 269 -4.34 27.97 5.90
C LYS B 269 -4.84 29.19 5.14
N LEU B 270 -4.57 29.23 3.85
CA LEU B 270 -4.89 30.40 3.02
C LEU B 270 -6.25 30.28 2.33
N LEU B 271 -7.04 29.28 2.72
CA LEU B 271 -8.33 29.06 2.08
C LEU B 271 -9.45 29.91 2.68
N LYS B 272 -9.08 30.83 3.57
CA LYS B 272 -10.05 31.70 4.25
C LYS B 272 -11.19 30.92 4.90
N PRO B 273 -10.90 30.24 6.02
CA PRO B 273 -11.92 29.40 6.66
C PRO B 273 -12.99 30.20 7.40
N ARG B 274 -12.59 31.26 8.10
CA ARG B 274 -13.48 31.98 9.01
C ARG B 274 -14.10 31.03 10.03
N GLU B 275 -13.33 30.03 10.45
CA GLU B 275 -13.82 29.01 11.36
C GLU B 275 -13.15 29.13 12.73
N ASN B 276 -13.69 28.41 13.71
CA ASN B 276 -13.18 28.48 15.08
C ASN B 276 -11.79 27.86 15.26
N ILE B 277 -11.25 28.01 16.46
CA ILE B 277 -9.87 27.61 16.74
C ILE B 277 -9.72 26.10 16.92
N ARG B 278 -10.65 25.51 17.66
CA ARG B 278 -10.64 24.07 17.94
C ARG B 278 -10.57 23.27 16.64
N ILE B 279 -11.51 23.57 15.75
CA ILE B 279 -11.61 22.90 14.45
C ILE B 279 -10.31 23.00 13.67
N LEU B 280 -9.71 24.20 13.64
CA LEU B 280 -8.48 24.41 12.87
C LEU B 280 -7.25 23.71 13.47
N LYS B 281 -7.19 23.65 14.80
CA LYS B 281 -6.06 22.98 15.45
C LYS B 281 -6.15 21.47 15.26
N ARG B 282 -7.33 20.92 15.52
CA ARG B 282 -7.55 19.49 15.33
C ARG B 282 -7.39 19.11 13.86
N LEU B 283 -7.77 20.02 12.97
CA LEU B 283 -7.61 19.81 11.53
C LEU B 283 -6.14 19.84 11.15
N GLN B 284 -5.36 20.69 11.83
CA GLN B 284 -3.92 20.71 11.62
C GLN B 284 -3.34 19.37 12.01
N ARG B 285 -3.78 18.85 13.15
CA ARG B 285 -3.38 17.51 13.58
C ARG B 285 -3.69 16.45 12.53
N ALA B 286 -4.94 16.44 12.07
CA ALA B 286 -5.40 15.49 11.06
C ALA B 286 -4.58 15.54 9.77
N ILE B 287 -4.44 16.75 9.24
CA ILE B 287 -3.63 16.98 8.03
C ILE B 287 -2.20 16.49 8.24
N GLU B 288 -1.65 16.72 9.43
CA GLU B 288 -0.30 16.24 9.75
C GLU B 288 -0.21 14.71 9.69
N LYS B 289 -1.18 14.04 10.31
CA LYS B 289 -1.23 12.58 10.28
C LYS B 289 -1.29 12.07 8.84
N GLU B 290 -2.23 12.62 8.08
CA GLU B 290 -2.42 12.27 6.68
C GLU B 290 -1.14 12.45 5.86
N VAL B 291 -0.49 13.60 6.04
CA VAL B 291 0.77 13.89 5.39
C VAL B 291 1.80 12.82 5.75
N HIS B 292 1.86 12.44 7.02
CA HIS B 292 2.78 11.40 7.45
C HIS B 292 2.55 10.09 6.70
N PHE B 293 1.30 9.62 6.72
CA PHE B 293 0.94 8.37 6.04
C PHE B 293 1.28 8.40 4.53
N ASN B 294 0.71 9.38 3.84
CA ASN B 294 0.93 9.49 2.39
C ASN B 294 2.39 9.69 2.01
N ASP B 295 3.14 10.39 2.85
CA ASP B 295 4.58 10.58 2.60
C ASP B 295 5.35 9.30 2.84
N THR B 296 4.86 8.47 3.76
CA THR B 296 5.47 7.15 3.95
C THR B 296 5.25 6.32 2.69
N LEU B 297 4.00 6.34 2.19
CA LEU B 297 3.68 5.68 0.93
C LEU B 297 4.53 6.20 -0.23
N ALA B 298 4.79 7.49 -0.24
CA ALA B 298 5.59 8.12 -1.28
C ALA B 298 7.05 7.72 -1.16
N ALA B 299 7.50 7.48 0.07
CA ALA B 299 8.86 7.03 0.30
C ALA B 299 9.02 5.61 -0.24
N LEU B 300 8.08 4.74 0.12
CA LEU B 300 8.08 3.37 -0.38
C LEU B 300 8.02 3.34 -1.90
N ALA B 301 7.20 4.22 -2.47
CA ALA B 301 7.06 4.34 -3.90
C ALA B 301 8.35 4.79 -4.56
N THR B 302 9.06 5.72 -3.91
CA THR B 302 10.33 6.22 -4.41
C THR B 302 11.35 5.08 -4.45
N ILE B 303 11.49 4.41 -3.32
CA ILE B 303 12.39 3.27 -3.19
C ILE B 303 12.10 2.23 -4.27
N PHE B 304 10.85 1.82 -4.38
CA PHE B 304 10.43 0.84 -5.37
C PHE B 304 10.74 1.29 -6.80
N ILE B 305 10.46 2.55 -7.11
CA ILE B 305 10.75 3.09 -8.44
C ILE B 305 12.24 3.01 -8.79
N PHE B 306 13.09 3.52 -7.90
CA PHE B 306 14.52 3.52 -8.16
C PHE B 306 15.13 2.11 -8.22
N VAL B 307 14.73 1.25 -7.29
CA VAL B 307 15.22 -0.12 -7.27
C VAL B 307 14.77 -0.90 -8.51
N LEU B 308 13.51 -0.73 -8.89
CA LEU B 308 12.98 -1.36 -10.09
C LEU B 308 13.71 -0.87 -11.33
N LEU B 309 13.98 0.43 -11.40
CA LEU B 309 14.75 1.00 -12.51
C LEU B 309 16.14 0.38 -12.55
N GLY B 310 16.71 0.15 -11.37
CA GLY B 310 18.03 -0.46 -11.28
C GLY B 310 18.04 -1.93 -11.64
N ALA B 311 16.88 -2.58 -11.51
CA ALA B 311 16.78 -4.03 -11.76
C ALA B 311 16.12 -4.34 -13.09
N GLU B 312 15.80 -3.30 -13.86
CA GLU B 312 15.12 -3.46 -15.13
C GLU B 312 16.06 -3.11 -16.27
N MSE B 313 17.21 -2.53 -15.92
CA MSE B 313 18.21 -2.15 -16.91
C MSE B 313 19.03 -3.34 -17.37
O MSE B 313 19.21 -4.31 -16.61
CB MSE B 313 19.13 -1.07 -16.33
CG MSE B 313 19.75 -1.45 -15.00
SE MSE B 313 20.38 0.08 -13.95
CE MSE B 313 21.99 0.51 -14.95
N ASN B 314 19.51 -3.30 -18.60
CA ASN B 314 20.41 -4.33 -19.11
C ASN B 314 21.77 -3.76 -19.48
N LEU B 315 22.82 -4.29 -18.85
CA LEU B 315 24.17 -3.76 -19.00
C LEU B 315 24.72 -3.88 -20.42
N GLU B 316 24.11 -4.74 -21.22
CA GLU B 316 24.55 -4.97 -22.59
C GLU B 316 24.39 -3.72 -23.46
N VAL B 317 23.15 -3.25 -23.59
CA VAL B 317 22.85 -2.03 -24.35
C VAL B 317 23.58 -0.82 -23.77
N ILE B 318 23.55 -0.72 -22.46
CA ILE B 318 24.17 0.41 -21.75
C ILE B 318 25.67 0.51 -22.01
N TRP B 319 26.38 -0.61 -21.87
CA TRP B 319 27.81 -0.62 -22.13
C TRP B 319 28.08 -0.47 -23.62
N SER B 320 27.13 -0.91 -24.44
CA SER B 320 27.26 -0.77 -25.89
C SER B 320 27.14 0.68 -26.32
N ASN B 321 26.45 1.49 -25.51
CA ASN B 321 26.23 2.90 -25.84
C ASN B 321 26.57 3.84 -24.70
N LEU B 322 27.62 3.50 -23.95
CA LEU B 322 27.98 4.25 -22.74
C LEU B 322 28.50 5.65 -23.07
N GLY B 323 29.39 5.75 -24.06
CA GLY B 323 29.95 7.03 -24.46
C GLY B 323 28.89 7.97 -24.99
N LYS B 324 27.97 7.43 -25.78
CA LYS B 324 26.87 8.21 -26.34
C LYS B 324 25.92 8.67 -25.23
N GLY B 325 25.62 7.77 -24.31
CA GLY B 325 24.77 8.09 -23.18
C GLY B 325 25.34 9.21 -22.32
N LEU B 326 26.63 9.09 -22.00
CA LEU B 326 27.33 10.12 -21.24
C LEU B 326 27.37 11.43 -22.01
N LEU B 327 27.51 11.34 -23.33
CA LEU B 327 27.51 12.51 -24.20
C LEU B 327 26.18 13.25 -24.11
N VAL B 328 25.08 12.49 -24.11
CA VAL B 328 23.75 13.06 -23.98
C VAL B 328 23.58 13.68 -22.59
N ALA B 329 24.06 12.97 -21.58
CA ALA B 329 23.97 13.44 -20.19
C ALA B 329 24.66 14.80 -20.01
N LEU B 330 25.93 14.86 -20.37
CA LEU B 330 26.70 16.10 -20.29
C LEU B 330 26.13 17.13 -21.26
N GLY B 331 25.40 16.66 -22.27
CA GLY B 331 24.77 17.55 -23.23
C GLY B 331 23.54 18.24 -22.67
N VAL B 332 22.87 17.58 -21.74
CA VAL B 332 21.65 18.13 -21.15
C VAL B 332 21.88 18.75 -19.78
N MSE B 333 23.05 18.51 -19.20
CA MSE B 333 23.35 19.07 -17.88
C MSE B 333 24.35 20.24 -17.95
O MSE B 333 24.53 20.96 -16.97
CB MSE B 333 23.88 17.99 -16.94
CG MSE B 333 25.32 17.59 -17.19
SE MSE B 333 25.93 16.19 -15.98
CE MSE B 333 24.68 14.79 -16.49
N ILE B 334 24.96 20.43 -19.11
CA ILE B 334 25.95 21.49 -19.29
C ILE B 334 25.57 22.47 -20.40
N LEU B 335 24.96 21.94 -21.46
CA LEU B 335 24.63 22.75 -22.63
C LEU B 335 23.14 23.10 -22.70
N ALA B 336 22.29 22.07 -22.72
CA ALA B 336 20.85 22.25 -22.86
C ALA B 336 20.24 23.02 -21.69
N ARG B 337 20.71 22.72 -20.49
CA ARG B 337 20.13 23.27 -19.27
C ARG B 337 20.34 24.78 -19.06
N PRO B 338 21.58 25.28 -19.19
CA PRO B 338 21.76 26.72 -18.99
C PRO B 338 21.11 27.56 -20.08
N LEU B 339 21.13 27.07 -21.32
CA LEU B 339 20.54 27.79 -22.45
C LEU B 339 19.02 27.78 -22.37
N ALA B 340 18.47 26.92 -21.53
CA ALA B 340 17.03 26.85 -21.32
C ALA B 340 16.63 27.68 -20.11
N THR B 341 17.62 28.25 -19.43
CA THR B 341 17.37 29.04 -18.24
C THR B 341 17.78 30.49 -18.49
N LEU B 342 17.96 30.83 -19.77
CA LEU B 342 18.29 32.20 -20.18
C LEU B 342 17.34 33.28 -19.63
N PRO B 343 16.01 33.08 -19.72
CA PRO B 343 15.11 34.10 -19.17
C PRO B 343 15.28 34.33 -17.67
N LEU B 344 15.85 33.35 -16.97
CA LEU B 344 16.08 33.47 -15.53
C LEU B 344 17.21 34.47 -15.24
N LEU B 345 18.06 34.71 -16.24
CA LEU B 345 19.16 35.66 -16.10
C LEU B 345 18.64 37.10 -16.02
N LYS B 346 17.37 37.28 -16.35
CA LYS B 346 16.73 38.59 -16.31
C LYS B 346 16.62 39.11 -14.88
N TRP B 347 16.15 38.27 -13.98
CA TRP B 347 15.94 38.66 -12.59
C TRP B 347 17.05 38.17 -11.66
N TRP B 348 18.06 37.53 -12.24
CA TRP B 348 19.15 36.96 -11.45
C TRP B 348 20.53 37.37 -11.98
N ASN B 349 21.53 37.23 -11.12
CA ASN B 349 22.90 37.53 -11.48
C ASN B 349 23.49 36.47 -12.41
N PHE B 350 24.68 36.72 -12.92
CA PHE B 350 25.34 35.78 -13.84
C PHE B 350 25.65 34.46 -13.16
N ARG B 351 26.39 34.54 -12.05
CA ARG B 351 26.81 33.35 -11.31
C ARG B 351 25.63 32.66 -10.63
N GLU B 352 24.63 33.44 -10.24
CA GLU B 352 23.42 32.90 -9.63
C GLU B 352 22.62 32.09 -10.64
N TYR B 353 22.37 32.69 -11.81
CA TYR B 353 21.69 31.98 -12.90
C TYR B 353 22.46 30.74 -13.30
N LEU B 354 23.79 30.88 -13.40
CA LEU B 354 24.66 29.76 -13.73
C LEU B 354 24.43 28.63 -12.74
N PHE B 355 24.48 28.96 -11.46
CA PHE B 355 24.25 27.99 -10.40
C PHE B 355 22.90 27.29 -10.54
N ILE B 356 21.82 28.08 -10.49
CA ILE B 356 20.45 27.55 -10.58
C ILE B 356 20.25 26.62 -11.78
N ALA B 357 20.64 27.11 -12.96
CA ALA B 357 20.53 26.32 -14.17
C ALA B 357 21.34 25.03 -14.05
N LEU B 358 22.66 25.18 -14.05
CA LEU B 358 23.61 24.07 -14.02
C LEU B 358 23.31 23.00 -12.96
N GLU B 359 22.66 23.38 -11.88
CA GLU B 359 22.49 22.50 -10.72
C GLU B 359 21.53 21.32 -10.89
N GLY B 360 20.33 21.58 -11.41
CA GLY B 360 19.26 20.59 -11.42
C GLY B 360 19.56 19.22 -12.00
N PRO B 361 19.46 18.17 -11.17
CA PRO B 361 19.60 16.78 -11.61
C PRO B 361 18.24 16.10 -11.82
N ARG B 362 18.24 14.97 -12.53
CA ARG B 362 17.01 14.24 -12.79
C ARG B 362 16.86 13.07 -11.83
N GLY B 363 15.63 12.75 -11.44
CA GLY B 363 15.40 11.74 -10.43
C GLY B 363 14.19 10.83 -10.62
N VAL B 364 13.24 10.93 -9.69
CA VAL B 364 12.11 10.00 -9.59
C VAL B 364 11.28 9.87 -10.87
N VAL B 365 10.75 10.99 -11.36
CA VAL B 365 9.86 10.98 -12.52
C VAL B 365 10.51 10.44 -13.82
N PRO B 366 11.71 10.93 -14.17
CA PRO B 366 12.35 10.35 -15.37
C PRO B 366 12.66 8.86 -15.20
N SER B 367 12.96 8.46 -13.98
CA SER B 367 13.21 7.05 -13.67
C SER B 367 11.94 6.22 -13.85
N ALA B 368 10.80 6.82 -13.51
CA ALA B 368 9.52 6.12 -13.61
C ALA B 368 8.95 6.17 -15.03
N LEU B 369 9.52 7.05 -15.85
CA LEU B 369 9.07 7.20 -17.23
C LEU B 369 10.02 6.54 -18.22
N ALA B 370 11.18 6.09 -17.72
CA ALA B 370 12.23 5.54 -18.56
C ALA B 370 11.79 4.30 -19.35
N SER B 371 11.16 3.35 -18.66
CA SER B 371 10.78 2.09 -19.27
C SER B 371 9.41 2.14 -19.94
N LEU B 372 8.74 3.29 -19.83
CA LEU B 372 7.42 3.45 -20.43
C LEU B 372 7.39 3.29 -21.96
N PRO B 373 8.29 3.97 -22.70
CA PRO B 373 8.27 3.75 -24.15
C PRO B 373 8.62 2.31 -24.53
N LEU B 374 9.52 1.69 -23.78
CA LEU B 374 9.89 0.30 -24.01
C LEU B 374 8.70 -0.63 -23.77
N SER B 375 8.15 -0.55 -22.56
CA SER B 375 7.01 -1.38 -22.16
C SER B 375 5.81 -1.18 -23.08
N LEU B 376 5.67 0.02 -23.62
CA LEU B 376 4.55 0.31 -24.52
C LEU B 376 4.83 -0.21 -25.93
N ALA B 377 6.10 -0.16 -26.33
CA ALA B 377 6.50 -0.66 -27.65
C ALA B 377 6.37 -2.17 -27.70
N LEU B 378 6.63 -2.83 -26.58
CA LEU B 378 6.52 -4.29 -26.51
C LEU B 378 5.08 -4.74 -26.71
N LYS B 379 4.13 -3.94 -26.22
CA LYS B 379 2.72 -4.29 -26.31
C LYS B 379 2.09 -3.76 -27.60
N TYR B 380 2.24 -2.46 -27.83
CA TYR B 380 1.71 -1.84 -29.05
C TYR B 380 2.84 -1.53 -30.01
N LYS B 381 3.23 -2.53 -30.80
CA LYS B 381 4.36 -2.39 -31.71
C LYS B 381 4.12 -1.36 -32.82
N SER B 382 4.91 -0.29 -32.78
CA SER B 382 4.85 0.76 -33.80
C SER B 382 6.20 0.85 -34.50
N PRO B 383 6.18 1.10 -35.82
CA PRO B 383 7.41 1.19 -36.60
C PRO B 383 8.26 2.40 -36.23
N LEU B 384 7.66 3.37 -35.56
CA LEU B 384 8.38 4.56 -35.10
C LEU B 384 9.06 4.28 -33.76
N LEU B 385 8.35 3.59 -32.87
CA LEU B 385 8.91 3.21 -31.58
C LEU B 385 8.97 1.69 -31.45
N THR B 386 10.15 1.12 -31.73
CA THR B 386 10.34 -0.32 -31.59
C THR B 386 11.04 -0.64 -30.28
N VAL B 387 11.41 -1.91 -30.09
CA VAL B 387 12.07 -2.36 -28.87
C VAL B 387 13.46 -1.74 -28.76
N HIS B 388 14.13 -1.63 -29.89
CA HIS B 388 15.48 -1.06 -29.96
C HIS B 388 15.53 0.34 -29.35
N TRP B 389 14.65 1.22 -29.84
CA TRP B 389 14.59 2.59 -29.36
C TRP B 389 14.10 2.67 -27.91
N GLY B 390 13.33 1.68 -27.49
CA GLY B 390 12.91 1.60 -26.10
C GLY B 390 14.11 1.37 -25.20
N GLU B 391 14.92 0.37 -25.56
CA GLU B 391 16.15 0.08 -24.84
C GLU B 391 17.11 1.27 -24.86
N ILE B 392 17.23 1.90 -26.03
CA ILE B 392 18.11 3.06 -26.18
C ILE B 392 17.70 4.21 -25.27
N ILE B 393 16.45 4.64 -25.40
CA ILE B 393 15.91 5.73 -24.59
C ILE B 393 16.03 5.43 -23.10
N MSE B 394 15.63 4.23 -22.70
CA MSE B 394 15.70 3.83 -21.29
C MSE B 394 17.13 3.89 -20.75
O MSE B 394 17.38 4.49 -19.71
CB MSE B 394 15.13 2.43 -21.10
CG MSE B 394 15.29 1.92 -19.68
SE MSE B 394 14.57 0.13 -19.40
CE MSE B 394 15.09 -0.08 -17.53
N ALA B 395 18.06 3.27 -21.48
CA ALA B 395 19.46 3.26 -21.08
C ALA B 395 20.01 4.67 -20.96
N THR B 396 19.66 5.53 -21.92
CA THR B 396 20.11 6.92 -21.92
C THR B 396 19.58 7.67 -20.69
N VAL B 397 18.30 7.42 -20.36
CA VAL B 397 17.68 8.03 -19.20
C VAL B 397 18.36 7.61 -17.90
N VAL B 398 18.59 6.31 -17.74
CA VAL B 398 19.28 5.79 -16.55
C VAL B 398 20.68 6.39 -16.43
N ILE B 399 21.43 6.36 -17.54
CA ILE B 399 22.76 6.95 -17.59
C ILE B 399 22.75 8.41 -17.15
N THR B 400 21.82 9.19 -17.70
CA THR B 400 21.74 10.61 -17.39
C THR B 400 21.34 10.86 -15.94
N VAL B 401 20.42 10.04 -15.42
CA VAL B 401 20.01 10.14 -14.02
C VAL B 401 21.20 9.93 -13.09
N LEU B 402 21.88 8.80 -13.28
CA LEU B 402 23.08 8.49 -12.49
C LEU B 402 24.11 9.62 -12.57
N THR B 403 24.51 9.94 -13.80
CA THR B 403 25.52 10.96 -14.06
C THR B 403 25.20 12.30 -13.41
N SER B 404 24.01 12.82 -13.70
CA SER B 404 23.56 14.09 -13.14
C SER B 404 23.54 14.06 -11.62
N VAL B 405 22.96 13.00 -11.06
CA VAL B 405 22.92 12.86 -9.60
C VAL B 405 24.32 12.92 -8.97
N ILE B 406 25.21 12.02 -9.38
CA ILE B 406 26.55 11.99 -8.77
C ILE B 406 27.36 13.27 -9.00
N VAL B 407 27.44 13.71 -10.25
CA VAL B 407 28.23 14.88 -10.61
C VAL B 407 27.72 16.14 -9.91
N GLU B 408 26.42 16.38 -10.00
CA GLU B 408 25.83 17.57 -9.38
C GLU B 408 25.80 17.50 -7.86
N THR B 409 25.82 16.29 -7.30
CA THR B 409 25.91 16.14 -5.85
C THR B 409 27.32 16.46 -5.39
N LEU B 410 28.30 16.13 -6.22
CA LEU B 410 29.70 16.31 -5.82
C LEU B 410 30.31 17.70 -6.07
N TRP B 411 29.71 18.50 -6.95
CA TRP B 411 30.32 19.77 -7.35
C TRP B 411 29.73 21.02 -6.70
N ILE B 412 29.07 20.85 -5.56
CA ILE B 412 28.51 22.00 -4.84
C ILE B 412 29.39 22.69 -3.77
N PRO B 413 30.32 21.95 -3.11
CA PRO B 413 31.12 22.68 -2.12
C PRO B 413 32.02 23.74 -2.76
N ILE B 414 32.66 23.39 -3.87
CA ILE B 414 33.54 24.34 -4.56
C ILE B 414 32.76 25.47 -5.23
N LEU B 415 31.60 25.13 -5.77
CA LEU B 415 30.77 26.11 -6.46
C LEU B 415 30.16 27.10 -5.47
N LYS B 416 29.94 26.65 -4.24
CA LYS B 416 29.47 27.55 -3.19
C LYS B 416 30.52 28.62 -2.89
N ASP B 417 31.77 28.20 -2.74
CA ASP B 417 32.85 29.12 -2.44
C ASP B 417 33.14 30.05 -3.61
N LYS B 418 32.96 29.54 -4.83
CA LYS B 418 33.20 30.35 -6.03
C LYS B 418 32.12 31.42 -6.19
N LEU B 419 30.98 31.23 -5.51
CA LEU B 419 29.92 32.22 -5.49
C LEU B 419 29.40 32.44 -4.07
C TAM C . -7.99 -4.84 13.21
C1 TAM C . -8.54 -4.73 11.79
C2 TAM C . -9.05 -5.41 14.16
C3 TAM C . -7.51 -3.44 13.71
C4 TAM C . -9.85 -4.06 11.80
C5 TAM C . -8.40 -5.75 15.52
C6 TAM C . -6.06 -3.21 13.23
N TAM C . -6.87 -5.74 13.22
O4 TAM C . -10.89 -5.02 11.55
O5 TAM C . -9.25 -6.62 16.24
O6 TAM C . -5.49 -2.15 13.96
C1 BOG D . 0.03 10.33 14.97
O1 BOG D . -1.20 9.65 14.87
C2 BOG D . 1.13 9.33 15.26
O2 BOG D . 0.87 8.67 16.48
C3 BOG D . 2.45 10.05 15.35
O3 BOG D . 3.50 9.11 15.44
C4 BOG D . 2.66 10.92 14.12
O4 BOG D . 3.81 11.72 14.31
C5 BOG D . 1.45 11.80 13.94
O5 BOG D . 0.30 11.00 13.76
C6 BOG D . 1.65 12.68 12.74
O6 BOG D . 2.89 13.34 12.83
C1' BOG D . -2.07 9.85 15.96
C2' BOG D . -3.10 8.74 16.00
C3' BOG D . -2.40 7.41 16.16
C4' BOG D . -3.42 6.29 16.09
C5' BOG D . -2.72 4.94 16.16
C6' BOG D . -3.73 3.83 16.12
C7' BOG D . -4.41 3.68 17.46
C8' BOG D . -5.90 3.88 17.32
TL TL E . -8.91 -10.47 15.77
C TAM F . 13.85 40.26 -6.19
C1 TAM F . 14.36 38.84 -6.51
C2 TAM F . 13.36 40.30 -4.74
C3 TAM F . 12.69 40.62 -7.17
C4 TAM F . 15.56 38.56 -5.69
C5 TAM F . 13.14 41.77 -4.29
C6 TAM F . 13.28 40.96 -8.55
N TAM F . 14.93 41.21 -6.35
O4 TAM F . 16.20 37.38 -6.18
O5 TAM F . 14.37 42.34 -3.93
O6 TAM F . 14.16 42.06 -8.45
C TAM G . -4.49 20.35 22.45
C1 TAM G . -3.60 20.68 23.64
C2 TAM G . -5.58 21.43 22.33
C3 TAM G . -5.15 18.96 22.64
C4 TAM G . -2.87 21.94 23.39
C5 TAM G . -6.46 21.16 21.08
C6 TAM G . -4.20 17.86 22.10
N TAM G . -3.70 20.35 21.23
O4 TAM G . -2.08 22.27 24.54
O5 TAM G . -7.26 22.30 20.81
O6 TAM G . -4.83 16.59 22.19
C TAM H . -6.52 6.84 -22.16
C1 TAM H . -5.44 5.97 -22.82
C2 TAM H . -7.81 6.76 -22.98
C3 TAM H . -5.99 8.31 -22.10
C4 TAM H . -5.81 4.54 -22.70
C5 TAM H . -8.97 7.45 -22.20
C6 TAM H . -4.99 8.43 -20.94
N TAM H . -6.76 6.37 -20.82
O4 TAM H . -4.70 3.74 -23.13
O5 TAM H . -9.14 8.78 -22.66
O6 TAM H . -4.23 9.63 -21.09
C1 UND I . 29.72 -2.58 -28.80
C2 UND I . 30.84 -2.04 -27.95
C3 UND I . 30.76 -0.52 -27.88
C4 UND I . 31.72 -0.01 -26.84
C5 UND I . 31.27 1.36 -26.39
C6 UND I . 31.92 1.68 -25.06
C7 UND I . 31.73 3.15 -24.74
C8 UND I . 32.63 3.51 -23.57
C9 UND I . 32.81 5.02 -23.53
C10 UND I . 33.69 5.40 -22.35
C11 UND I . 33.83 6.90 -22.30
C ACT J . 9.97 13.54 -3.64
O ACT J . 10.69 13.08 -4.56
OXT ACT J . 9.90 14.79 -3.47
CH3 ACT J . 9.22 12.60 -2.73
TL TL K . 10.36 16.58 -8.41
#